data_2IIK
#
_entry.id   2IIK
#
_cell.length_a   55.147
_cell.length_b   96.845
_cell.length_c   142.055
_cell.angle_alpha   90.00
_cell.angle_beta   90.00
_cell.angle_gamma   90.00
#
_symmetry.space_group_name_H-M   'P 21 21 21'
#
loop_
_entity.id
_entity.type
_entity.pdbx_description
1 polymer '3-ketoacyl-CoA thiolase, peroxisomal'
2 water water
#
_entity_poly.entity_id   1
_entity_poly.type   'polypeptide(L)'
_entity_poly.pdbx_seq_one_letter_code
;MHHHHHHSSGVDLGTENLYFQSMAPQASAADVVVVHGRRTAICRAGRGGFKDTTPDELLSAVMTAVLKDVNLRPEQLGDI
CVGNVLQPGAGAIMARIAQFLSDIPETVPLSTVNRQCSSGLQAVASIAGGIRNGSYDIGMACGVESMSLADRGNPGNITS
RLMEKEKARDCLIPMGITSENVAERFGISREKQDTFALASQQKAARAQSKGCFQAEIVPVTTTVHDDKGTKRSITVTQDE
GIRPSTTMEGLAKLKPAFKKDGSTTAGNSSQVSDGAAAILLARRSKAEELGLPILGVLRSYAVVGVPPDIMGIGPAYAIP
VALQKAGLTVSDVDIFEINEAFASQAAYCVEKLRLPPEKVNPLGGAVALGHPLGCTGARQVITLLNELKRRGKRAYGVVS
MCIGTGMGAAAVFEYPGN
;
_entity_poly.pdbx_strand_id   A,B
#
# COMPACT_ATOMS: atom_id res chain seq x y z
N ALA A 27 -21.90 16.26 -10.63
CA ALA A 27 -22.39 15.79 -9.28
C ALA A 27 -23.15 14.43 -9.32
N SER A 28 -22.44 13.36 -9.66
CA SER A 28 -23.02 12.00 -9.78
C SER A 28 -23.08 11.24 -8.44
N ALA A 29 -24.06 10.36 -8.32
CA ALA A 29 -24.23 9.54 -7.11
C ALA A 29 -22.99 8.70 -6.84
N ALA A 30 -22.26 8.37 -7.91
CA ALA A 30 -21.01 7.57 -7.80
C ALA A 30 -19.78 8.35 -7.42
N ASP A 31 -19.84 9.68 -7.37
CA ASP A 31 -18.65 10.49 -7.07
C ASP A 31 -18.03 10.14 -5.69
N VAL A 32 -16.70 10.17 -5.59
CA VAL A 32 -16.04 10.01 -4.29
C VAL A 32 -15.82 11.38 -3.66
N VAL A 33 -16.46 11.57 -2.53
CA VAL A 33 -16.44 12.85 -1.87
C VAL A 33 -15.63 12.74 -0.61
N VAL A 34 -15.03 13.87 -0.23
CA VAL A 34 -14.34 13.99 1.06
C VAL A 34 -15.36 14.52 2.05
N VAL A 35 -15.56 13.78 3.14
CA VAL A 35 -16.57 14.15 4.12
C VAL A 35 -15.98 15.13 5.11
N HIS A 36 -14.85 14.78 5.67
CA HIS A 36 -14.23 15.58 6.74
C HIS A 36 -12.81 15.12 6.92
N GLY A 37 -11.98 15.93 7.55
CA GLY A 37 -10.59 15.53 7.87
C GLY A 37 -10.09 16.22 9.12
N ARG A 38 -9.17 15.60 9.84
CA ARG A 38 -8.47 16.27 10.94
C ARG A 38 -7.02 15.84 10.92
N ARG A 39 -6.17 16.67 11.52
CA ARG A 39 -4.75 16.42 11.65
C ARG A 39 -4.26 16.85 12.99
N THR A 40 -3.12 16.30 13.38
CA THR A 40 -2.40 16.80 14.53
C THR A 40 -1.69 18.07 14.10
N ALA A 41 -1.27 18.84 15.09
CA ALA A 41 -0.21 19.81 14.89
C ALA A 41 1.02 19.03 14.41
N ILE A 42 1.90 19.71 13.70
CA ILE A 42 3.12 19.12 13.18
C ILE A 42 4.23 19.59 14.06
N CYS A 43 5.03 18.69 14.61
CA CYS A 43 6.13 19.05 15.49
C CYS A 43 7.50 18.68 14.93
N ARG A 44 8.52 19.41 15.33
CA ARG A 44 9.88 19.16 14.89
C ARG A 44 10.35 17.83 15.49
N ALA A 45 10.99 17.02 14.65
CA ALA A 45 11.44 15.68 15.04
C ALA A 45 12.58 15.81 16.01
N GLY A 46 12.66 14.91 16.98
CA GLY A 46 13.78 14.87 17.91
C GLY A 46 13.69 15.82 19.10
N ARG A 47 13.24 17.05 18.85
CA ARG A 47 13.24 18.10 19.89
C ARG A 47 11.86 18.67 20.24
N GLY A 48 10.85 18.32 19.45
CA GLY A 48 9.51 18.87 19.61
C GLY A 48 8.61 18.07 20.54
N GLY A 49 7.33 18.47 20.62
CA GLY A 49 6.36 17.91 21.55
C GLY A 49 5.98 16.45 21.32
N PHE A 50 6.19 15.97 20.10
CA PHE A 50 5.90 14.57 19.77
C PHE A 50 7.14 13.69 19.71
N LYS A 51 8.28 14.17 20.19
CA LYS A 51 9.53 13.42 20.08
C LYS A 51 9.51 12.10 20.87
N ASP A 52 8.60 11.99 21.83
CA ASP A 52 8.47 10.79 22.64
C ASP A 52 7.15 10.07 22.41
N THR A 53 6.43 10.45 21.36
CA THR A 53 5.11 9.93 21.09
C THR A 53 5.20 9.00 19.89
N THR A 54 4.79 7.75 20.09
CA THR A 54 4.78 6.76 19.01
C THR A 54 3.74 7.08 17.96
N PRO A 55 3.99 6.71 16.72
CA PRO A 55 3.08 7.03 15.61
C PRO A 55 1.66 6.48 15.72
N ASP A 56 1.50 5.32 16.34
CA ASP A 56 0.17 4.76 16.58
C ASP A 56 -0.69 5.71 17.44
N GLU A 57 -0.06 6.43 18.37
CA GLU A 57 -0.78 7.39 19.17
C GLU A 57 -1.20 8.62 18.36
N LEU A 58 -0.33 9.09 17.49
CA LEU A 58 -0.66 10.21 16.60
C LEU A 58 -1.83 9.85 15.67
N LEU A 59 -1.72 8.67 15.07
CA LEU A 59 -2.72 8.20 14.15
C LEU A 59 -4.05 7.95 14.89
N SER A 60 -3.99 7.40 16.09
CA SER A 60 -5.22 7.17 16.87
C SER A 60 -5.97 8.47 17.15
N ALA A 61 -5.24 9.51 17.56
CA ALA A 61 -5.89 10.81 17.86
C ALA A 61 -6.71 11.33 16.69
N VAL A 62 -6.21 11.16 15.47
CA VAL A 62 -6.86 11.76 14.28
C VAL A 62 -7.98 10.87 13.75
N MET A 63 -7.78 9.57 13.82
CA MET A 63 -8.86 8.66 13.50
C MET A 63 -10.03 8.90 14.45
N THR A 64 -9.75 8.97 15.76
CA THR A 64 -10.79 9.18 16.74
C THR A 64 -11.53 10.49 16.46
N ALA A 65 -10.78 11.57 16.18
CA ALA A 65 -11.37 12.89 16.04
C ALA A 65 -12.29 12.93 14.84
N VAL A 66 -11.88 12.33 13.73
CA VAL A 66 -12.67 12.39 12.49
C VAL A 66 -14.01 11.70 12.66
N LEU A 67 -14.00 10.53 13.30
CA LEU A 67 -15.23 9.77 13.54
C LEU A 67 -16.19 10.51 14.46
N LYS A 68 -15.67 11.03 15.58
CA LYS A 68 -16.45 11.81 16.53
C LYS A 68 -17.04 13.09 15.90
N ASP A 69 -16.23 13.81 15.13
CA ASP A 69 -16.64 15.07 14.51
C ASP A 69 -17.87 14.91 13.59
N VAL A 70 -17.91 13.84 12.80
CA VAL A 70 -19.08 13.56 11.95
C VAL A 70 -20.05 12.57 12.57
N ASN A 71 -19.71 12.06 13.74
CA ASN A 71 -20.56 11.12 14.46
C ASN A 71 -20.92 9.88 13.63
N LEU A 72 -19.89 9.31 13.02
CA LEU A 72 -20.02 8.08 12.26
C LEU A 72 -19.76 6.92 13.19
N ARG A 73 -20.65 5.93 13.19
CA ARG A 73 -20.37 4.68 13.87
C ARG A 73 -19.08 4.10 13.27
N PRO A 74 -18.08 3.77 14.11
CA PRO A 74 -16.83 3.23 13.59
C PRO A 74 -17.02 2.02 12.65
N GLU A 75 -17.92 1.11 13.00
CA GLU A 75 -18.14 -0.07 12.18
C GLU A 75 -18.73 0.21 10.81
N GLN A 76 -19.17 1.45 10.54
CA GLN A 76 -19.58 1.84 9.17
C GLN A 76 -18.40 1.96 8.21
N LEU A 77 -17.18 2.06 8.74
CA LEU A 77 -15.99 2.13 7.90
C LEU A 77 -15.77 0.82 7.14
N GLY A 78 -15.67 0.91 5.82
CA GLY A 78 -15.37 -0.25 4.99
C GLY A 78 -13.90 -0.64 4.99
N ASP A 79 -13.02 0.32 5.22
CA ASP A 79 -11.59 0.07 5.18
C ASP A 79 -10.86 1.26 5.76
N ILE A 80 -9.65 1.04 6.23
CA ILE A 80 -8.74 2.11 6.64
C ILE A 80 -7.43 1.91 5.86
N CYS A 81 -6.95 2.98 5.24
CA CYS A 81 -5.69 2.97 4.52
C CYS A 81 -4.74 4.03 5.05
N VAL A 82 -3.57 3.61 5.47
CA VAL A 82 -2.61 4.50 6.12
C VAL A 82 -1.36 4.65 5.30
N GLY A 83 -1.05 5.89 4.95
CA GLY A 83 0.18 6.18 4.28
C GLY A 83 1.27 6.22 5.32
N ASN A 84 2.42 5.62 5.02
CA ASN A 84 3.58 5.67 5.89
C ASN A 84 4.85 5.18 5.17
N VAL A 85 5.97 5.83 5.44
CA VAL A 85 7.22 5.61 4.71
C VAL A 85 8.32 4.87 5.53
N LEU A 86 8.52 5.24 6.79
CA LEU A 86 9.67 4.80 7.54
C LEU A 86 9.49 3.63 8.51
N GLN A 87 8.26 3.24 8.85
CA GLN A 87 8.09 2.09 9.76
C GLN A 87 8.38 0.77 9.00
N PRO A 88 8.75 -0.29 9.74
CA PRO A 88 8.88 -1.60 9.08
C PRO A 88 7.55 -2.02 8.44
N GLY A 89 7.60 -2.50 7.21
CA GLY A 89 6.41 -2.92 6.49
C GLY A 89 5.41 -1.78 6.26
N ALA A 90 5.91 -0.54 6.27
CA ALA A 90 5.06 0.64 6.13
C ALA A 90 3.99 0.72 7.19
N GLY A 91 4.28 0.22 8.38
CA GLY A 91 3.48 0.52 9.56
C GLY A 91 2.19 -0.25 9.69
N ALA A 92 2.05 -1.38 9.00
CA ALA A 92 0.80 -2.15 9.04
C ALA A 92 0.42 -2.60 10.46
N ILE A 93 1.37 -3.07 11.25
CA ILE A 93 1.07 -3.55 12.62
C ILE A 93 0.72 -2.35 13.51
N MET A 94 1.57 -1.34 13.43
CA MET A 94 1.44 -0.10 14.14
C MET A 94 0.08 0.59 13.88
N ALA A 95 -0.33 0.64 12.60
CA ALA A 95 -1.59 1.25 12.20
C ALA A 95 -2.79 0.49 12.73
N ARG A 96 -2.71 -0.84 12.69
CA ARG A 96 -3.76 -1.69 13.17
C ARG A 96 -3.90 -1.50 14.70
N ILE A 97 -2.76 -1.45 15.38
CA ILE A 97 -2.75 -1.14 16.82
C ILE A 97 -3.40 0.21 17.13
N ALA A 98 -3.16 1.23 16.31
CA ALA A 98 -3.80 2.53 16.46
C ALA A 98 -5.32 2.43 16.39
N GLN A 99 -5.80 1.67 15.42
CA GLN A 99 -7.23 1.45 15.22
C GLN A 99 -7.85 0.95 16.50
N PHE A 100 -7.20 -0.01 17.11
CA PHE A 100 -7.70 -0.56 18.35
C PHE A 100 -7.55 0.40 19.52
N LEU A 101 -6.56 1.29 19.46
CA LEU A 101 -6.43 2.36 20.45
C LEU A 101 -7.57 3.35 20.32
N SER A 102 -8.13 3.44 19.11
CA SER A 102 -9.31 4.30 18.91
C SER A 102 -10.63 3.56 19.13
N ASP A 103 -10.56 2.32 19.61
CA ASP A 103 -11.74 1.47 19.81
C ASP A 103 -12.53 1.32 18.51
N ILE A 104 -11.85 1.40 17.39
CA ILE A 104 -12.47 1.07 16.13
C ILE A 104 -12.46 -0.47 16.07
N PRO A 105 -13.63 -1.10 15.86
CA PRO A 105 -13.70 -2.56 15.95
C PRO A 105 -12.86 -3.32 14.92
N GLU A 106 -12.46 -4.53 15.30
CA GLU A 106 -11.73 -5.45 14.46
C GLU A 106 -12.38 -5.73 13.12
N THR A 107 -13.71 -5.58 13.05
CA THR A 107 -14.43 -5.86 11.83
C THR A 107 -14.05 -4.87 10.71
N VAL A 108 -13.52 -3.72 11.09
CA VAL A 108 -13.05 -2.76 10.09
C VAL A 108 -11.61 -3.11 9.70
N PRO A 109 -11.36 -3.39 8.41
CA PRO A 109 -10.03 -3.73 7.95
C PRO A 109 -9.11 -2.54 7.71
N LEU A 110 -7.83 -2.83 7.59
CA LEU A 110 -6.84 -1.80 7.47
C LEU A 110 -5.70 -2.30 6.61
N SER A 111 -5.06 -1.38 5.88
CA SER A 111 -3.80 -1.66 5.18
C SER A 111 -2.92 -0.43 5.17
N THR A 112 -1.68 -0.59 4.75
CA THR A 112 -0.82 0.59 4.56
C THR A 112 -0.32 0.72 3.13
N VAL A 113 0.12 1.92 2.77
CA VAL A 113 0.68 2.20 1.45
C VAL A 113 1.92 3.08 1.57
N ASN A 114 2.89 2.83 0.70
CA ASN A 114 4.07 3.70 0.60
C ASN A 114 4.31 4.10 -0.86
N ARG A 115 4.07 5.37 -1.15
CA ARG A 115 4.60 5.99 -2.36
C ARG A 115 5.36 7.21 -1.88
N GLN A 116 6.21 6.95 -0.89
CA GLN A 116 7.12 7.94 -0.34
C GLN A 116 6.36 9.19 0.06
N CYS A 117 6.80 10.37 -0.40
CA CYS A 117 6.27 11.64 0.10
C CYS A 117 4.82 11.82 -0.25
N SER A 118 4.32 11.00 -1.17
CA SER A 118 2.91 11.12 -1.58
C SER A 118 2.00 10.19 -0.82
N SER A 119 2.56 9.39 0.08
CA SER A 119 1.82 8.26 0.67
C SER A 119 0.49 8.66 1.25
N GLY A 120 0.45 9.82 1.90
CA GLY A 120 -0.80 10.34 2.47
C GLY A 120 -1.89 10.62 1.46
N LEU A 121 -1.50 11.17 0.30
CA LEU A 121 -2.45 11.39 -0.78
C LEU A 121 -2.72 10.06 -1.46
N GLN A 122 -1.71 9.21 -1.53
CA GLN A 122 -1.96 7.87 -2.07
C GLN A 122 -3.06 7.12 -1.28
N ALA A 123 -3.05 7.27 0.04
CA ALA A 123 -4.07 6.65 0.86
C ALA A 123 -5.47 7.14 0.45
N VAL A 124 -5.57 8.44 0.15
CA VAL A 124 -6.83 8.99 -0.35
C VAL A 124 -7.25 8.32 -1.66
N ALA A 125 -6.30 8.20 -2.61
CA ALA A 125 -6.58 7.58 -3.90
C ALA A 125 -6.93 6.11 -3.77
N SER A 126 -6.32 5.43 -2.82
CA SER A 126 -6.60 4.00 -2.65
C SER A 126 -7.98 3.74 -2.01
N ILE A 127 -8.41 4.56 -1.06
CA ILE A 127 -9.78 4.48 -0.54
C ILE A 127 -10.76 4.83 -1.66
N ALA A 128 -10.42 5.82 -2.47
CA ALA A 128 -11.29 6.19 -3.60
C ALA A 128 -11.42 5.00 -4.51
N GLY A 129 -10.30 4.32 -4.73
CA GLY A 129 -10.24 3.16 -5.62
C GLY A 129 -11.05 1.99 -5.12
N GLY A 130 -11.02 1.77 -3.81
CA GLY A 130 -11.81 0.73 -3.21
C GLY A 130 -13.29 1.00 -3.38
N ILE A 131 -13.69 2.26 -3.23
CA ILE A 131 -15.08 2.62 -3.42
C ILE A 131 -15.50 2.36 -4.86
N ARG A 132 -14.65 2.76 -5.79
CA ARG A 132 -14.97 2.57 -7.20
C ARG A 132 -14.92 1.10 -7.64
N ASN A 133 -14.19 0.24 -6.90
CA ASN A 133 -14.20 -1.21 -7.10
C ASN A 133 -15.43 -1.91 -6.54
N GLY A 134 -16.30 -1.19 -5.83
CA GLY A 134 -17.45 -1.82 -5.16
C GLY A 134 -17.10 -2.57 -3.87
N SER A 135 -15.91 -2.34 -3.32
CA SER A 135 -15.50 -3.05 -2.12
C SER A 135 -16.24 -2.51 -0.86
N TYR A 136 -16.47 -1.22 -0.84
CA TYR A 136 -17.19 -0.55 0.24
C TYR A 136 -17.62 0.81 -0.27
N ASP A 137 -18.42 1.49 0.53
CA ASP A 137 -18.99 2.79 0.17
C ASP A 137 -18.35 3.92 0.93
N ILE A 138 -17.59 3.61 1.97
CA ILE A 138 -17.06 4.63 2.84
C ILE A 138 -15.80 4.12 3.51
N GLY A 139 -14.83 5.00 3.72
CA GLY A 139 -13.58 4.59 4.29
C GLY A 139 -12.73 5.76 4.72
N MET A 140 -11.65 5.42 5.42
CA MET A 140 -10.76 6.42 5.96
C MET A 140 -9.33 6.35 5.40
N ALA A 141 -8.84 7.50 4.95
CA ALA A 141 -7.49 7.62 4.37
C ALA A 141 -6.66 8.41 5.33
N CYS A 142 -5.56 7.84 5.79
CA CYS A 142 -4.72 8.52 6.75
C CYS A 142 -3.30 8.55 6.27
N GLY A 143 -2.53 9.46 6.88
CA GLY A 143 -1.08 9.48 6.76
C GLY A 143 -0.47 9.76 8.11
N VAL A 144 0.66 9.14 8.39
CA VAL A 144 1.38 9.39 9.63
C VAL A 144 2.88 9.16 9.46
N GLU A 145 3.67 9.87 10.25
CA GLU A 145 5.10 9.67 10.29
C GLU A 145 5.67 10.19 11.62
N SER A 146 6.48 9.34 12.25
CA SER A 146 7.28 9.76 13.36
C SER A 146 8.73 9.75 12.90
N MET A 147 9.21 10.91 12.50
CA MET A 147 10.60 10.99 12.06
C MET A 147 11.51 11.05 13.28
N SER A 148 10.92 11.33 14.46
CA SER A 148 11.65 11.24 15.70
C SER A 148 12.11 9.80 16.02
N LEU A 149 11.28 8.82 15.64
CA LEU A 149 11.49 7.43 16.03
C LEU A 149 12.04 6.54 14.88
N ALA A 150 12.15 7.12 13.69
CA ALA A 150 12.88 6.63 12.51
C ALA A 150 14.21 5.94 12.73
N ASP A 151 14.48 4.87 11.96
CA ASP A 151 15.74 4.11 12.06
C ASP A 151 16.71 4.47 10.90
CA GLY A 156 16.46 -2.60 2.41
C GLY A 156 17.49 -3.66 1.95
N ASN A 157 17.02 -4.81 1.51
CA ASN A 157 17.92 -5.83 0.96
C ASN A 157 18.01 -5.65 -0.56
N ILE A 158 19.17 -5.22 -1.04
CA ILE A 158 19.28 -4.68 -2.39
C ILE A 158 20.38 -5.33 -3.16
N THR A 159 20.17 -5.47 -4.47
CA THR A 159 21.03 -6.23 -5.35
C THR A 159 22.50 -5.81 -5.29
N SER A 160 23.39 -6.76 -5.50
CA SER A 160 24.82 -6.49 -5.44
C SER A 160 25.30 -5.74 -6.68
N ARG A 161 24.47 -5.69 -7.74
CA ARG A 161 24.87 -5.03 -8.99
C ARG A 161 24.13 -3.71 -9.17
N LEU A 162 23.81 -3.08 -8.05
CA LEU A 162 23.24 -1.75 -8.07
C LEU A 162 23.96 -0.87 -9.09
N MET A 163 25.29 -0.86 -9.01
CA MET A 163 26.09 0.11 -9.74
C MET A 163 26.20 -0.20 -11.25
N GLU A 164 25.69 -1.36 -11.69
CA GLU A 164 25.58 -1.64 -13.13
C GLU A 164 24.41 -0.86 -13.76
N LYS A 165 23.55 -0.30 -12.90
CA LYS A 165 22.31 0.32 -13.33
C LYS A 165 22.18 1.73 -12.72
N GLU A 166 22.50 2.72 -13.53
CA GLU A 166 22.61 4.09 -13.05
C GLU A 166 21.34 4.59 -12.36
N LYS A 167 20.16 4.21 -12.88
CA LYS A 167 18.90 4.71 -12.32
C LYS A 167 18.55 3.99 -10.99
N ALA A 168 19.04 2.77 -10.83
CA ALA A 168 18.96 2.08 -9.52
C ALA A 168 19.85 2.81 -8.51
N ARG A 169 21.11 3.02 -8.88
CA ARG A 169 22.05 3.79 -8.07
C ARG A 169 21.44 5.13 -7.63
N ASP A 170 20.76 5.81 -8.57
CA ASP A 170 20.20 7.12 -8.30
C ASP A 170 19.10 7.08 -7.26
N CYS A 171 18.54 5.91 -6.98
CA CYS A 171 17.49 5.83 -5.96
C CYS A 171 18.05 5.95 -4.56
N LEU A 172 19.37 5.85 -4.42
CA LEU A 172 20.03 6.07 -3.13
C LEU A 172 20.55 7.50 -2.94
N ILE A 173 20.34 8.39 -3.91
CA ILE A 173 20.76 9.78 -3.73
C ILE A 173 19.89 10.42 -2.63
N PRO A 174 20.53 10.98 -1.59
CA PRO A 174 19.78 11.69 -0.57
C PRO A 174 18.90 12.77 -1.18
N MET A 175 17.68 12.90 -0.69
CA MET A 175 16.75 13.86 -1.28
C MET A 175 17.31 15.27 -1.27
N GLY A 176 18.09 15.59 -0.23
CA GLY A 176 18.77 16.89 -0.14
C GLY A 176 19.79 17.13 -1.24
N ILE A 177 20.41 16.07 -1.75
CA ILE A 177 21.30 16.22 -2.89
C ILE A 177 20.47 16.45 -4.16
N THR A 178 19.29 15.82 -4.26
CA THR A 178 18.42 16.05 -5.44
C THR A 178 17.93 17.48 -5.48
N SER A 179 17.75 18.10 -4.33
CA SER A 179 17.49 19.53 -4.24
C SER A 179 18.57 20.33 -4.96
N GLU A 180 19.82 20.09 -4.58
CA GLU A 180 20.97 20.75 -5.19
C GLU A 180 21.06 20.47 -6.70
N ASN A 181 20.69 19.25 -7.12
CA ASN A 181 20.74 18.91 -8.54
C ASN A 181 19.74 19.74 -9.30
N VAL A 182 18.54 19.84 -8.74
CA VAL A 182 17.48 20.68 -9.29
C VAL A 182 17.91 22.15 -9.36
N ALA A 183 18.55 22.65 -8.31
CA ALA A 183 19.00 24.04 -8.29
C ALA A 183 20.03 24.35 -9.38
N GLU A 184 20.88 23.36 -9.71
CA GLU A 184 21.94 23.55 -10.69
C GLU A 184 21.48 23.33 -12.13
N ARG A 185 20.70 22.28 -12.35
CA ARG A 185 20.21 21.94 -13.70
C ARG A 185 19.30 23.03 -14.20
N PHE A 186 18.50 23.56 -13.29
CA PHE A 186 17.45 24.48 -13.69
C PHE A 186 17.67 25.90 -13.19
N GLY A 187 18.85 26.16 -12.61
CA GLY A 187 19.30 27.52 -12.30
C GLY A 187 18.38 28.26 -11.36
N ILE A 188 18.25 27.73 -10.13
CA ILE A 188 17.50 28.37 -9.05
C ILE A 188 18.48 28.87 -7.99
N SER A 189 18.64 30.19 -7.92
CA SER A 189 19.63 30.80 -7.04
C SER A 189 19.30 30.63 -5.57
N ARG A 190 20.31 30.82 -4.74
CA ARG A 190 20.15 30.84 -3.30
C ARG A 190 19.10 31.87 -2.92
N GLU A 191 19.25 33.10 -3.42
CA GLU A 191 18.32 34.17 -3.07
C GLU A 191 16.87 33.82 -3.48
N LYS A 192 16.71 33.15 -4.63
CA LYS A 192 15.41 32.66 -5.08
C LYS A 192 14.85 31.73 -4.02
N GLN A 193 15.66 30.77 -3.62
CA GLN A 193 15.29 29.82 -2.59
C GLN A 193 14.92 30.48 -1.27
N ASP A 194 15.77 31.38 -0.78
CA ASP A 194 15.50 32.05 0.49
C ASP A 194 14.26 32.96 0.42
N THR A 195 14.09 33.69 -0.69
CA THR A 195 12.91 34.50 -0.88
C THR A 195 11.69 33.62 -0.73
N PHE A 196 11.69 32.49 -1.43
CA PHE A 196 10.60 31.52 -1.33
C PHE A 196 10.29 31.12 0.11
N ALA A 197 11.33 30.80 0.87
CA ALA A 197 11.20 30.29 2.25
C ALA A 197 10.67 31.35 3.20
N LEU A 198 11.14 32.58 3.07
CA LEU A 198 10.66 33.64 3.94
C LEU A 198 9.18 33.90 3.67
N ALA A 199 8.77 33.84 2.41
CA ALA A 199 7.37 34.00 2.08
C ALA A 199 6.52 32.86 2.69
N SER A 200 7.01 31.63 2.61
CA SER A 200 6.27 30.49 3.20
C SER A 200 6.13 30.64 4.74
N GLN A 201 7.18 31.11 5.38
CA GLN A 201 7.17 31.39 6.82
C GLN A 201 6.21 32.51 7.19
N GLN A 202 6.29 33.61 6.45
CA GLN A 202 5.47 34.78 6.70
C GLN A 202 4.00 34.49 6.52
N LYS A 203 3.64 33.82 5.43
CA LYS A 203 2.25 33.40 5.17
C LYS A 203 1.74 32.47 6.25
N ALA A 204 2.59 31.53 6.68
CA ALA A 204 2.27 30.59 7.75
C ALA A 204 1.98 31.30 9.07
N ALA A 205 2.81 32.30 9.40
CA ALA A 205 2.65 33.05 10.63
C ALA A 205 1.31 33.80 10.68
N ARG A 206 0.96 34.47 9.59
CA ARG A 206 -0.30 35.20 9.53
C ARG A 206 -1.47 34.23 9.57
N ALA A 207 -1.37 33.16 8.82
CA ALA A 207 -2.42 32.14 8.79
C ALA A 207 -2.68 31.60 10.20
N GLN A 208 -1.61 31.32 10.94
CA GLN A 208 -1.74 30.78 12.30
C GLN A 208 -2.42 31.79 13.19
N SER A 209 -2.02 33.06 13.09
CA SER A 209 -2.61 34.12 13.89
C SER A 209 -4.11 34.35 13.59
N LYS A 210 -4.49 34.24 12.32
CA LYS A 210 -5.87 34.42 11.92
C LYS A 210 -6.75 33.20 12.32
N GLY A 211 -6.10 32.10 12.72
CA GLY A 211 -6.80 30.89 13.20
C GLY A 211 -7.10 29.90 12.10
N CYS A 212 -6.44 30.04 10.96
CA CYS A 212 -6.70 29.19 9.81
C CYS A 212 -6.48 27.70 10.04
N PHE A 213 -5.65 27.35 11.01
CA PHE A 213 -5.37 25.96 11.27
C PHE A 213 -6.14 25.42 12.47
N GLN A 214 -6.98 26.24 13.09
CA GLN A 214 -7.68 25.83 14.33
C GLN A 214 -8.80 24.76 14.13
N ALA A 215 -9.56 24.87 13.05
CA ALA A 215 -10.55 23.85 12.69
C ALA A 215 -9.87 22.51 12.46
N GLU A 216 -8.82 22.51 11.65
CA GLU A 216 -8.22 21.23 11.22
C GLU A 216 -7.37 20.52 12.29
N ILE A 217 -6.68 21.27 13.13
CA ILE A 217 -5.81 20.65 14.13
C ILE A 217 -6.63 20.08 15.29
N VAL A 218 -6.36 18.84 15.69
CA VAL A 218 -6.91 18.32 16.95
C VAL A 218 -5.80 18.35 17.97
N PRO A 219 -6.06 18.92 19.16
CA PRO A 219 -5.05 18.86 20.21
C PRO A 219 -4.74 17.42 20.57
N VAL A 220 -3.47 17.14 20.87
CA VAL A 220 -3.02 15.81 21.27
C VAL A 220 -2.36 15.93 22.60
N THR A 221 -2.81 15.14 23.56
CA THR A 221 -2.20 15.16 24.88
C THR A 221 -1.30 13.94 24.94
N THR A 222 -0.05 14.19 25.31
CA THR A 222 0.94 13.13 25.32
C THR A 222 1.92 13.39 26.47
N THR A 223 2.96 12.55 26.56
CA THR A 223 4.04 12.79 27.51
C THR A 223 5.34 13.07 26.77
N VAL A 224 6.22 13.79 27.44
CA VAL A 224 7.59 14.00 27.00
C VAL A 224 8.52 13.65 28.19
N HIS A 225 9.72 13.09 27.91
CA HIS A 225 10.58 12.56 29.00
C HIS A 225 11.41 13.69 29.57
N ASP A 226 11.79 13.56 30.83
CA ASP A 226 12.43 14.65 31.57
C ASP A 226 13.80 14.23 32.10
N ASP A 227 14.38 15.14 32.89
CA ASP A 227 15.59 14.92 33.69
C ASP A 227 15.77 13.47 34.11
N LYS A 228 14.88 13.03 35.00
CA LYS A 228 15.11 11.87 35.86
C LYS A 228 14.36 10.62 35.38
N GLY A 229 13.92 10.64 34.12
CA GLY A 229 13.24 9.49 33.50
C GLY A 229 11.71 9.55 33.49
N THR A 230 11.14 10.43 34.34
CA THR A 230 9.68 10.57 34.49
C THR A 230 8.99 11.21 33.28
N LYS A 231 7.94 10.54 32.79
CA LYS A 231 7.07 11.10 31.75
C LYS A 231 6.35 12.35 32.34
N ARG A 232 6.33 13.47 31.60
CA ARG A 232 5.59 14.71 32.01
C ARG A 232 4.57 15.15 30.92
N SER A 233 3.30 15.35 31.33
CA SER A 233 2.19 15.61 30.39
C SER A 233 2.21 16.97 29.69
N ILE A 234 1.91 16.96 28.39
CA ILE A 234 1.73 18.18 27.66
C ILE A 234 0.66 18.00 26.57
N THR A 235 0.14 19.13 26.10
CA THR A 235 -0.89 19.14 25.06
C THR A 235 -0.42 20.02 23.93
N VAL A 236 -0.34 19.42 22.74
CA VAL A 236 0.15 20.10 21.56
C VAL A 236 -1.01 20.56 20.69
N THR A 237 -1.10 21.87 20.52
CA THR A 237 -2.20 22.51 19.76
C THR A 237 -1.72 23.33 18.54
N GLN A 238 -0.40 23.48 18.33
CA GLN A 238 0.15 24.38 17.32
C GLN A 238 1.36 23.87 16.59
N ASP A 239 1.43 24.19 15.31
CA ASP A 239 2.52 23.74 14.45
C ASP A 239 3.80 24.40 14.91
N GLU A 240 4.78 23.60 15.35
CA GLU A 240 6.01 24.13 15.97
C GLU A 240 7.01 24.79 15.01
N GLY A 241 6.98 24.43 13.74
CA GLY A 241 7.98 24.91 12.79
C GLY A 241 7.72 26.27 12.20
N ILE A 242 6.52 26.84 12.42
CA ILE A 242 6.25 28.20 11.97
C ILE A 242 7.02 29.15 12.87
N ARG A 243 8.04 29.78 12.27
CA ARG A 243 9.04 30.55 12.96
C ARG A 243 8.93 32.00 12.46
N PRO A 244 8.04 32.81 13.08
CA PRO A 244 7.92 34.19 12.62
C PRO A 244 9.22 35.00 12.71
N SER A 245 10.20 34.51 13.50
CA SER A 245 11.50 35.24 13.67
C SER A 245 12.44 35.09 12.48
N THR A 246 12.04 34.29 11.50
CA THR A 246 12.80 34.15 10.26
C THR A 246 12.97 35.50 9.57
N THR A 247 14.21 35.85 9.26
CA THR A 247 14.49 37.07 8.52
C THR A 247 15.30 36.67 7.29
N MET A 248 15.37 37.57 6.31
CA MET A 248 16.10 37.29 5.07
C MET A 248 17.61 37.27 5.35
N GLU A 249 18.07 38.19 6.19
CA GLU A 249 19.46 38.24 6.66
C GLU A 249 19.85 36.94 7.36
N GLY A 250 18.97 36.43 8.22
CA GLY A 250 19.23 35.19 8.94
C GLY A 250 19.29 33.98 8.03
N LEU A 251 18.37 33.91 7.07
CA LEU A 251 18.35 32.82 6.07
C LEU A 251 19.63 32.82 5.20
N ALA A 252 20.07 34.01 4.79
CA ALA A 252 21.26 34.12 3.93
C ALA A 252 22.52 33.66 4.65
N LYS A 253 22.52 33.70 5.98
CA LYS A 253 23.70 33.38 6.78
C LYS A 253 23.89 31.87 6.98
N LEU A 254 22.85 31.07 6.74
CA LEU A 254 22.88 29.65 7.09
C LEU A 254 23.84 28.81 6.26
N LYS A 255 24.41 27.77 6.89
CA LYS A 255 25.37 26.87 6.21
C LYS A 255 24.60 25.90 5.33
N PRO A 256 25.23 25.41 4.23
CA PRO A 256 24.54 24.41 3.41
C PRO A 256 24.32 23.12 4.19
N ALA A 257 23.19 22.46 3.98
CA ALA A 257 22.84 21.29 4.75
C ALA A 257 23.34 19.95 4.18
N PHE A 258 23.72 19.92 2.90
CA PHE A 258 24.10 18.65 2.25
C PHE A 258 25.36 18.66 1.39
N LYS A 259 25.86 19.84 0.98
CA LYS A 259 26.87 19.95 -0.10
C LYS A 259 27.75 21.18 0.11
N LYS A 260 29.07 21.02 -0.03
CA LYS A 260 30.02 22.07 0.31
C LYS A 260 29.64 23.45 -0.23
N ASP A 261 29.44 23.60 -1.54
CA ASP A 261 29.15 24.94 -2.13
C ASP A 261 27.65 25.06 -2.51
N GLY A 262 26.80 24.43 -1.71
CA GLY A 262 25.39 24.27 -2.06
C GLY A 262 24.55 25.48 -1.66
N SER A 263 23.29 25.47 -2.09
CA SER A 263 22.33 26.52 -1.78
C SER A 263 21.15 26.01 -0.95
N THR A 264 21.07 24.69 -0.74
CA THR A 264 20.03 24.13 0.13
C THR A 264 20.46 24.23 1.58
N THR A 265 19.58 24.77 2.43
CA THR A 265 19.86 24.89 3.87
C THR A 265 18.69 24.35 4.68
N ALA A 266 18.88 24.25 5.98
CA ALA A 266 17.79 23.95 6.90
C ALA A 266 16.68 25.00 6.77
N GLY A 267 17.07 26.23 6.45
CA GLY A 267 16.14 27.35 6.35
C GLY A 267 15.26 27.38 5.11
N ASN A 268 15.76 26.86 4.00
CA ASN A 268 14.98 26.83 2.77
C ASN A 268 14.49 25.41 2.40
N SER A 269 14.57 24.50 3.37
CA SER A 269 14.09 23.12 3.24
C SER A 269 12.97 22.87 4.23
N SER A 270 12.23 21.80 3.99
CA SER A 270 11.24 21.32 4.93
C SER A 270 11.99 20.84 6.14
N GLN A 271 11.36 21.01 7.30
CA GLN A 271 11.89 20.57 8.58
C GLN A 271 11.42 19.14 8.76
N VAL A 272 12.33 18.28 9.22
CA VAL A 272 12.00 16.90 9.59
C VAL A 272 11.02 16.87 10.79
N SER A 273 9.95 16.09 10.67
CA SER A 273 8.75 16.29 11.51
C SER A 273 7.98 15.04 11.88
N ASP A 274 7.16 15.18 12.93
CA ASP A 274 6.21 14.16 13.36
C ASP A 274 4.77 14.69 13.21
N GLY A 275 3.87 13.86 12.69
CA GLY A 275 2.47 14.27 12.53
C GLY A 275 1.56 13.23 11.91
N ALA A 276 0.26 13.39 12.11
CA ALA A 276 -0.75 12.53 11.49
C ALA A 276 -1.92 13.35 10.97
N ALA A 277 -2.67 12.71 10.08
CA ALA A 277 -3.85 13.32 9.47
C ALA A 277 -4.77 12.19 9.04
N ALA A 278 -6.08 12.40 9.18
CA ALA A 278 -7.10 11.40 8.78
C ALA A 278 -8.22 12.06 8.01
N ILE A 279 -8.68 11.39 6.96
CA ILE A 279 -9.66 11.94 6.04
C ILE A 279 -10.71 10.88 5.79
N LEU A 280 -11.97 11.28 5.90
CA LEU A 280 -13.10 10.39 5.67
C LEU A 280 -13.64 10.62 4.26
N LEU A 281 -13.75 9.55 3.47
CA LEU A 281 -14.25 9.63 2.11
C LEU A 281 -15.44 8.69 1.95
N ALA A 282 -16.33 9.05 1.03
CA ALA A 282 -17.53 8.27 0.82
C ALA A 282 -18.02 8.41 -0.60
N ARG A 283 -18.72 7.38 -1.05
CA ARG A 283 -19.52 7.51 -2.25
C ARG A 283 -20.56 8.56 -1.91
N ARG A 284 -20.84 9.44 -2.86
CA ARG A 284 -21.75 10.54 -2.61
C ARG A 284 -23.10 10.05 -2.09
N SER A 285 -23.66 9.02 -2.71
CA SER A 285 -24.98 8.54 -2.30
C SER A 285 -24.98 8.02 -0.86
N LYS A 286 -23.85 7.51 -0.39
CA LYS A 286 -23.73 7.03 0.99
C LYS A 286 -23.65 8.19 2.00
N ALA A 287 -22.86 9.21 1.66
CA ALA A 287 -22.79 10.44 2.44
C ALA A 287 -24.19 11.01 2.62
N GLU A 288 -24.99 11.02 1.56
CA GLU A 288 -26.34 11.56 1.59
C GLU A 288 -27.28 10.68 2.40
N GLU A 289 -27.16 9.38 2.21
CA GLU A 289 -27.96 8.42 2.95
C GLU A 289 -27.75 8.69 4.45
N LEU A 290 -26.50 8.75 4.90
CA LEU A 290 -26.20 8.95 6.32
C LEU A 290 -26.24 10.41 6.79
N GLY A 291 -26.50 11.39 5.92
CA GLY A 291 -26.52 12.80 6.32
C GLY A 291 -25.14 13.35 6.67
N LEU A 292 -24.10 12.91 6.00
CA LEU A 292 -22.74 13.38 6.27
C LEU A 292 -22.40 14.58 5.41
N PRO A 293 -21.59 15.51 5.97
CA PRO A 293 -21.23 16.68 5.15
C PRO A 293 -20.34 16.29 4.00
N ILE A 294 -20.33 17.13 2.97
CA ILE A 294 -19.40 17.04 1.85
C ILE A 294 -18.52 18.27 1.93
N LEU A 295 -17.25 18.03 2.24
CA LEU A 295 -16.22 19.08 2.31
C LEU A 295 -15.61 19.32 0.93
N GLY A 296 -15.39 18.25 0.18
CA GLY A 296 -14.89 18.34 -1.18
C GLY A 296 -15.23 17.09 -1.99
N VAL A 297 -14.91 17.14 -3.28
CA VAL A 297 -15.10 16.01 -4.17
C VAL A 297 -13.78 15.72 -4.89
N LEU A 298 -13.30 14.48 -4.84
CA LEU A 298 -12.11 14.11 -5.62
C LEU A 298 -12.47 14.00 -7.10
N ARG A 299 -11.77 14.76 -7.94
CA ARG A 299 -12.05 14.80 -9.39
C ARG A 299 -10.98 14.13 -10.26
N SER A 300 -9.72 14.19 -9.86
CA SER A 300 -8.69 13.50 -10.60
C SER A 300 -7.50 13.15 -9.71
N TYR A 301 -6.77 12.11 -10.10
CA TYR A 301 -5.49 11.77 -9.44
C TYR A 301 -4.50 11.25 -10.47
N ALA A 302 -3.35 11.93 -10.53
CA ALA A 302 -2.32 11.65 -11.52
C ALA A 302 -1.02 11.33 -10.82
N VAL A 303 -0.38 10.25 -11.25
CA VAL A 303 0.94 9.93 -10.78
C VAL A 303 1.85 9.76 -12.00
N VAL A 304 2.99 10.47 -12.02
CA VAL A 304 3.94 10.33 -13.09
C VAL A 304 5.34 10.07 -12.55
N GLY A 305 6.20 9.53 -13.43
CA GLY A 305 7.59 9.25 -13.09
C GLY A 305 8.55 10.26 -13.72
N VAL A 306 9.58 10.62 -12.96
CA VAL A 306 10.63 11.55 -13.42
C VAL A 306 11.99 10.97 -12.99
N PRO A 307 13.11 11.60 -13.42
CA PRO A 307 14.41 11.07 -13.04
C PRO A 307 14.65 11.22 -11.54
N PRO A 308 15.05 10.14 -10.86
CA PRO A 308 15.20 10.19 -9.38
C PRO A 308 16.19 11.28 -8.97
N ASP A 309 17.19 11.45 -9.81
CA ASP A 309 18.18 12.51 -9.78
C ASP A 309 17.68 13.87 -9.41
N ILE A 310 16.56 14.21 -10.02
CA ILE A 310 15.99 15.54 -9.92
C ILE A 310 14.52 15.35 -9.60
N MET A 311 14.28 14.49 -8.61
CA MET A 311 12.94 14.07 -8.22
C MET A 311 12.01 15.24 -7.93
N GLY A 312 12.59 16.36 -7.50
CA GLY A 312 11.82 17.55 -7.19
C GLY A 312 10.93 18.15 -8.27
N ILE A 313 11.20 17.82 -9.54
CA ILE A 313 10.42 18.37 -10.66
C ILE A 313 9.05 17.72 -10.83
N GLY A 314 8.76 16.68 -10.04
CA GLY A 314 7.52 15.91 -10.17
C GLY A 314 6.24 16.70 -10.44
N PRO A 315 5.87 17.63 -9.53
CA PRO A 315 4.66 18.43 -9.70
C PRO A 315 4.55 19.13 -11.07
N ALA A 316 5.68 19.51 -11.65
CA ALA A 316 5.67 20.11 -13.00
C ALA A 316 5.06 19.18 -14.06
N TYR A 317 5.07 17.88 -13.79
CA TYR A 317 4.59 16.90 -14.75
C TYR A 317 3.32 16.21 -14.27
N ALA A 318 3.14 16.16 -12.96
CA ALA A 318 1.95 15.56 -12.39
C ALA A 318 0.76 16.52 -12.57
N ILE A 319 0.98 17.82 -12.34
CA ILE A 319 -0.13 18.78 -12.34
C ILE A 319 -0.86 18.85 -13.68
N PRO A 320 -0.16 19.17 -14.78
CA PRO A 320 -0.85 19.14 -16.08
C PRO A 320 -1.68 17.88 -16.38
N VAL A 321 -1.18 16.69 -15.99
CA VAL A 321 -1.94 15.46 -16.27
C VAL A 321 -3.20 15.40 -15.39
N ALA A 322 -3.08 15.76 -14.11
CA ALA A 322 -4.25 15.80 -13.22
C ALA A 322 -5.33 16.77 -13.71
N LEU A 323 -4.90 17.94 -14.18
CA LEU A 323 -5.81 18.94 -14.68
C LEU A 323 -6.53 18.43 -15.94
N GLN A 324 -5.76 17.88 -16.88
CA GLN A 324 -6.31 17.27 -18.10
C GLN A 324 -7.38 16.27 -17.72
N LYS A 325 -7.08 15.40 -16.75
CA LYS A 325 -8.03 14.36 -16.37
C LYS A 325 -9.29 14.91 -15.72
N ALA A 326 -9.15 16.00 -14.96
CA ALA A 326 -10.29 16.65 -14.31
C ALA A 326 -10.99 17.60 -15.27
N GLY A 327 -10.39 17.85 -16.45
CA GLY A 327 -11.00 18.67 -17.50
C GLY A 327 -10.74 20.16 -17.30
N LEU A 328 -9.58 20.49 -16.75
CA LEU A 328 -9.31 21.87 -16.33
C LEU A 328 -8.01 22.40 -16.90
N THR A 329 -7.86 23.72 -16.81
CA THR A 329 -6.61 24.42 -17.09
C THR A 329 -6.16 25.14 -15.82
N VAL A 330 -4.90 25.53 -15.79
CA VAL A 330 -4.32 26.25 -14.66
C VAL A 330 -5.18 27.44 -14.23
N SER A 331 -5.85 28.07 -15.20
CA SER A 331 -6.66 29.25 -14.92
C SER A 331 -7.92 28.94 -14.11
N ASP A 332 -8.43 27.71 -14.22
CA ASP A 332 -9.63 27.29 -13.46
C ASP A 332 -9.38 26.99 -11.97
N VAL A 333 -8.11 26.91 -11.56
CA VAL A 333 -7.79 26.51 -10.19
C VAL A 333 -7.62 27.71 -9.27
N ASP A 334 -8.17 27.64 -8.06
CA ASP A 334 -8.08 28.72 -7.09
C ASP A 334 -6.84 28.59 -6.20
N ILE A 335 -6.54 27.39 -5.74
CA ILE A 335 -5.40 27.16 -4.87
C ILE A 335 -4.63 25.96 -5.35
N PHE A 336 -3.31 26.10 -5.43
CA PHE A 336 -2.44 24.96 -5.59
C PHE A 336 -1.67 24.78 -4.28
N GLU A 337 -1.89 23.66 -3.60
CA GLU A 337 -1.03 23.24 -2.48
C GLU A 337 0.05 22.36 -3.08
N ILE A 338 1.22 22.94 -3.27
CA ILE A 338 2.38 22.25 -3.81
C ILE A 338 3.35 22.09 -2.66
N ASN A 339 3.77 20.85 -2.42
CA ASN A 339 4.58 20.57 -1.26
C ASN A 339 5.95 21.22 -1.37
N GLU A 340 6.39 21.81 -0.26
CA GLU A 340 7.67 22.52 -0.22
C GLU A 340 8.72 21.66 0.45
N ALA A 341 9.08 20.53 -0.15
CA ALA A 341 10.15 19.68 0.43
C ALA A 341 11.40 20.54 0.53
N PHE A 342 11.74 21.19 -0.58
CA PHE A 342 12.83 22.18 -0.62
C PHE A 342 12.35 23.34 -1.49
N ALA A 343 12.73 24.56 -1.08
CA ALA A 343 12.44 25.75 -1.86
C ALA A 343 12.92 25.65 -3.33
N SER A 344 14.05 25.00 -3.57
CA SER A 344 14.57 24.85 -4.93
C SER A 344 13.53 24.27 -5.86
N GLN A 345 13.04 23.07 -5.50
CA GLN A 345 12.15 22.32 -6.35
C GLN A 345 10.75 22.94 -6.38
N ALA A 346 10.32 23.52 -5.28
CA ALA A 346 9.01 24.17 -5.21
C ALA A 346 9.00 25.41 -6.11
N ALA A 347 10.06 26.20 -6.01
CA ALA A 347 10.18 27.40 -6.83
C ALA A 347 10.26 27.00 -8.29
N TYR A 348 11.04 25.98 -8.62
CA TYR A 348 11.15 25.60 -10.03
C TYR A 348 9.77 25.25 -10.61
N CYS A 349 9.02 24.43 -9.87
CA CYS A 349 7.71 23.98 -10.30
C CYS A 349 6.72 25.12 -10.52
N VAL A 350 6.71 26.10 -9.62
CA VAL A 350 5.87 27.29 -9.78
C VAL A 350 6.19 28.04 -11.08
N GLU A 351 7.48 28.20 -11.36
CA GLU A 351 7.91 28.95 -12.56
C GLU A 351 7.65 28.15 -13.83
N LYS A 352 8.03 26.87 -13.83
CA LYS A 352 7.87 26.03 -15.01
C LYS A 352 6.39 26.04 -15.40
N LEU A 353 5.51 25.88 -14.41
CA LEU A 353 4.08 25.81 -14.66
C LEU A 353 3.40 27.17 -14.85
N ARG A 354 4.13 28.26 -14.61
CA ARG A 354 3.58 29.62 -14.77
C ARG A 354 2.35 29.84 -13.87
N LEU A 355 2.43 29.35 -12.64
CA LEU A 355 1.35 29.48 -11.68
C LEU A 355 1.35 30.91 -11.15
N PRO A 356 0.15 31.51 -11.00
CA PRO A 356 0.08 32.77 -10.26
C PRO A 356 0.50 32.55 -8.81
N PRO A 357 1.59 33.19 -8.36
CA PRO A 357 2.20 32.92 -7.06
C PRO A 357 1.27 33.11 -5.86
N GLU A 358 0.33 34.04 -5.98
CA GLU A 358 -0.60 34.30 -4.91
C GLU A 358 -1.52 33.08 -4.67
N LYS A 359 -1.57 32.17 -5.65
CA LYS A 359 -2.41 30.99 -5.57
C LYS A 359 -1.67 29.78 -4.96
N VAL A 360 -0.35 29.90 -4.81
CA VAL A 360 0.48 28.78 -4.35
C VAL A 360 0.67 28.83 -2.82
N ASN A 361 0.23 27.79 -2.09
CA ASN A 361 0.44 27.72 -0.64
C ASN A 361 0.12 29.03 0.09
N PRO A 362 -1.13 29.50 -0.03
CA PRO A 362 -1.53 30.80 0.53
C PRO A 362 -1.42 30.92 2.06
N LEU A 363 -1.38 29.77 2.76
CA LEU A 363 -1.21 29.70 4.20
C LEU A 363 0.19 29.22 4.55
N GLY A 364 1.07 29.18 3.59
CA GLY A 364 2.42 28.65 3.82
C GLY A 364 2.47 27.16 3.55
N GLY A 365 3.68 26.63 3.39
CA GLY A 365 3.87 25.20 3.20
C GLY A 365 4.96 24.61 4.05
N ALA A 366 5.48 23.48 3.61
CA ALA A 366 6.29 22.60 4.47
C ALA A 366 7.59 23.24 4.99
N VAL A 367 8.09 24.30 4.34
CA VAL A 367 9.29 24.97 4.83
C VAL A 367 8.98 25.50 6.22
N ALA A 368 7.74 25.95 6.40
CA ALA A 368 7.23 26.44 7.67
C ALA A 368 6.49 25.36 8.47
N LEU A 369 5.60 24.61 7.81
CA LEU A 369 4.71 23.67 8.51
C LEU A 369 5.37 22.35 8.92
N GLY A 370 6.41 21.95 8.19
CA GLY A 370 7.09 20.69 8.41
C GLY A 370 6.58 19.68 7.41
N HIS A 371 7.32 18.56 7.29
CA HIS A 371 7.07 17.52 6.29
C HIS A 371 7.25 16.12 6.89
N PRO A 372 6.24 15.66 7.64
CA PRO A 372 6.28 14.30 8.15
C PRO A 372 5.89 13.42 6.97
N LEU A 373 6.87 12.69 6.45
CA LEU A 373 6.77 12.11 5.11
C LEU A 373 5.38 11.56 4.77
N GLY A 374 4.94 10.50 5.45
CA GLY A 374 3.65 9.83 5.12
C GLY A 374 2.40 10.66 5.40
N CYS A 375 2.51 11.64 6.29
CA CYS A 375 1.36 12.48 6.63
C CYS A 375 1.10 13.57 5.61
N THR A 376 2.15 14.23 5.14
CA THR A 376 2.01 15.46 4.36
C THR A 376 0.91 15.44 3.30
N GLY A 377 0.83 14.39 2.48
CA GLY A 377 -0.19 14.31 1.43
C GLY A 377 -1.64 14.46 1.93
N ALA A 378 -1.96 13.78 3.02
CA ALA A 378 -3.32 13.88 3.58
C ALA A 378 -3.48 15.26 4.21
N ARG A 379 -2.43 15.72 4.88
CA ARG A 379 -2.41 17.02 5.54
C ARG A 379 -2.80 18.12 4.53
N GLN A 380 -2.14 18.13 3.39
CA GLN A 380 -2.41 19.13 2.34
C GLN A 380 -3.86 19.20 1.96
N VAL A 381 -4.49 18.03 1.81
CA VAL A 381 -5.89 17.96 1.39
C VAL A 381 -6.78 18.68 2.39
N ILE A 382 -6.49 18.48 3.66
CA ILE A 382 -7.23 19.12 4.76
C ILE A 382 -6.98 20.62 4.75
N THR A 383 -5.72 21.03 4.64
CA THR A 383 -5.44 22.45 4.61
C THR A 383 -6.08 23.10 3.39
N LEU A 384 -6.05 22.42 2.24
CA LEU A 384 -6.61 22.97 1.02
C LEU A 384 -8.10 23.23 1.17
N LEU A 385 -8.83 22.19 1.52
CA LEU A 385 -10.30 22.23 1.55
C LEU A 385 -10.85 23.15 2.63
N ASN A 386 -10.13 23.27 3.73
CA ASN A 386 -10.58 24.20 4.78
C ASN A 386 -10.43 25.64 4.30
N GLU A 387 -9.44 25.93 3.46
CA GLU A 387 -9.31 27.29 2.92
C GLU A 387 -10.37 27.55 1.86
N LEU A 388 -10.61 26.59 0.98
CA LEU A 388 -11.70 26.75 0.00
C LEU A 388 -13.03 26.93 0.72
N LYS A 389 -13.21 26.20 1.82
CA LYS A 389 -14.45 26.29 2.60
C LYS A 389 -14.69 27.71 3.15
N ARG A 390 -13.64 28.26 3.76
CA ARG A 390 -13.70 29.62 4.28
C ARG A 390 -14.08 30.60 3.18
N ARG A 391 -13.48 30.45 2.00
CA ARG A 391 -13.78 31.36 0.89
C ARG A 391 -15.22 31.18 0.40
N GLY A 392 -15.77 29.98 0.56
CA GLY A 392 -17.19 29.73 0.39
C GLY A 392 -17.73 29.84 -1.03
N LYS A 393 -16.84 29.74 -2.01
CA LYS A 393 -17.22 29.79 -3.40
C LYS A 393 -16.91 28.42 -3.99
N ARG A 394 -17.71 27.99 -4.96
CA ARG A 394 -17.42 26.79 -5.72
C ARG A 394 -16.06 26.97 -6.39
N ALA A 395 -15.15 26.03 -6.21
CA ALA A 395 -13.77 26.22 -6.67
C ALA A 395 -13.03 24.91 -6.80
N TYR A 396 -11.95 24.95 -7.59
CA TYR A 396 -11.06 23.80 -7.71
C TYR A 396 -9.75 24.08 -7.01
N GLY A 397 -9.18 23.05 -6.42
CA GLY A 397 -7.86 23.15 -5.83
C GLY A 397 -7.02 21.93 -6.16
N VAL A 398 -5.70 22.12 -6.17
CA VAL A 398 -4.77 21.05 -6.46
C VAL A 398 -3.89 20.73 -5.25
N VAL A 399 -3.68 19.45 -5.00
CA VAL A 399 -2.66 19.03 -4.06
C VAL A 399 -1.63 18.27 -4.85
N SER A 400 -0.37 18.65 -4.72
CA SER A 400 0.68 17.96 -5.46
C SER A 400 1.97 17.99 -4.70
N MET A 401 2.82 16.99 -4.98
CA MET A 401 4.16 16.88 -4.36
C MET A 401 5.14 16.12 -5.22
N CYS A 402 6.43 16.40 -5.02
CA CYS A 402 7.48 15.55 -5.53
C CYS A 402 7.65 14.37 -4.60
N ILE A 403 8.26 13.32 -5.12
CA ILE A 403 8.29 12.00 -4.48
C ILE A 403 9.68 11.43 -4.67
N GLY A 404 10.31 11.00 -3.59
CA GLY A 404 11.63 10.38 -3.64
C GLY A 404 11.66 9.16 -4.54
N THR A 405 12.82 8.92 -5.15
CA THR A 405 13.03 7.91 -6.18
C THR A 405 12.41 8.29 -7.55
N GLY A 406 11.91 9.53 -7.66
CA GLY A 406 11.61 10.13 -8.93
C GLY A 406 10.19 10.00 -9.42
N MET A 407 9.28 10.64 -8.70
CA MET A 407 7.88 10.71 -9.12
C MET A 407 7.25 12.06 -8.76
N GLY A 408 6.07 12.27 -9.34
CA GLY A 408 5.18 13.35 -8.93
C GLY A 408 3.77 12.82 -8.87
N ALA A 409 3.00 13.32 -7.90
CA ALA A 409 1.56 13.07 -7.81
C ALA A 409 0.82 14.39 -7.75
N ALA A 410 -0.39 14.40 -8.29
CA ALA A 410 -1.28 15.57 -8.18
C ALA A 410 -2.74 15.11 -8.13
N ALA A 411 -3.54 15.75 -7.27
CA ALA A 411 -4.96 15.46 -7.17
C ALA A 411 -5.70 16.75 -7.34
N VAL A 412 -6.83 16.70 -8.04
CA VAL A 412 -7.72 17.87 -8.17
C VAL A 412 -8.95 17.63 -7.32
N PHE A 413 -9.32 18.64 -6.53
CA PHE A 413 -10.51 18.57 -5.69
C PHE A 413 -11.42 19.73 -6.03
N GLU A 414 -12.72 19.50 -5.93
CA GLU A 414 -13.71 20.56 -6.08
C GLU A 414 -14.36 20.86 -4.74
N TYR A 415 -14.33 22.12 -4.32
CA TYR A 415 -15.16 22.55 -3.20
C TYR A 415 -16.55 22.94 -3.75
N PRO A 416 -17.62 22.56 -3.04
CA PRO A 416 -19.02 22.82 -3.40
C PRO A 416 -19.39 24.25 -3.77
N THR B 15 -28.02 -6.62 -7.77
CA THR B 15 -28.48 -7.92 -7.19
C THR B 15 -30.02 -8.14 -7.31
N GLU B 16 -30.81 -7.22 -6.77
CA GLU B 16 -32.26 -7.23 -7.05
C GLU B 16 -32.50 -6.13 -8.09
N ASN B 17 -32.27 -6.52 -9.34
CA ASN B 17 -32.84 -5.81 -10.47
C ASN B 17 -33.47 -6.83 -11.43
N LEU B 18 -34.25 -6.32 -12.38
CA LEU B 18 -35.13 -7.12 -13.23
C LEU B 18 -34.40 -8.21 -14.01
N TYR B 19 -33.16 -7.91 -14.40
CA TYR B 19 -32.41 -8.75 -15.34
C TYR B 19 -31.40 -9.74 -14.69
N PHE B 20 -31.31 -9.73 -13.36
CA PHE B 20 -30.28 -10.50 -12.65
C PHE B 20 -30.41 -12.02 -12.79
N GLN B 21 -29.27 -12.67 -13.07
CA GLN B 21 -29.19 -14.11 -13.22
C GLN B 21 -27.83 -14.45 -12.70
N SER B 22 -27.75 -15.31 -11.69
CA SER B 22 -26.52 -15.38 -10.88
C SER B 22 -25.21 -15.41 -11.69
N MET B 23 -25.10 -16.23 -12.72
CA MET B 23 -23.85 -16.17 -13.50
C MET B 23 -24.06 -15.65 -14.92
N ALA B 24 -24.86 -14.59 -15.03
CA ALA B 24 -25.07 -13.94 -16.31
C ALA B 24 -23.74 -13.29 -16.70
N PRO B 25 -23.37 -13.42 -17.98
CA PRO B 25 -22.24 -12.69 -18.53
C PRO B 25 -22.44 -11.18 -18.55
N GLN B 26 -21.38 -10.46 -18.19
CA GLN B 26 -21.33 -9.01 -18.30
C GLN B 26 -20.00 -8.77 -18.98
N ALA B 27 -19.92 -7.78 -19.87
CA ALA B 27 -18.64 -7.49 -20.53
C ALA B 27 -18.55 -6.03 -20.98
N SER B 28 -18.41 -5.13 -20.00
CA SER B 28 -18.23 -3.69 -20.24
C SER B 28 -16.81 -3.30 -20.69
N ALA B 29 -16.75 -2.22 -21.46
CA ALA B 29 -15.49 -1.59 -21.85
C ALA B 29 -14.67 -1.12 -20.63
N ALA B 30 -15.32 -0.97 -19.48
CA ALA B 30 -14.66 -0.51 -18.25
C ALA B 30 -14.16 -1.62 -17.32
N ASP B 31 -14.47 -2.88 -17.61
CA ASP B 31 -14.06 -3.96 -16.73
C ASP B 31 -12.54 -3.95 -16.64
N VAL B 32 -12.05 -4.32 -15.47
CA VAL B 32 -10.63 -4.49 -15.24
C VAL B 32 -10.28 -5.93 -15.53
N VAL B 33 -9.45 -6.15 -16.53
CA VAL B 33 -9.12 -7.51 -16.94
C VAL B 33 -7.69 -7.84 -16.58
N VAL B 34 -7.43 -9.14 -16.35
CA VAL B 34 -6.08 -9.65 -16.20
C VAL B 34 -5.59 -10.07 -17.58
N VAL B 35 -4.53 -9.43 -18.03
CA VAL B 35 -3.95 -9.76 -19.30
C VAL B 35 -3.07 -10.99 -19.21
N HIS B 36 -2.17 -11.03 -18.23
CA HIS B 36 -1.18 -12.10 -18.16
C HIS B 36 -0.50 -12.07 -16.82
N GLY B 37 0.18 -13.16 -16.46
CA GLY B 37 0.91 -13.27 -15.20
C GLY B 37 2.05 -14.28 -15.22
N ARG B 38 3.07 -14.02 -14.40
CA ARG B 38 4.22 -14.94 -14.20
C ARG B 38 4.74 -14.83 -12.78
N ARG B 39 5.31 -15.93 -12.30
CA ARG B 39 5.87 -16.01 -10.98
C ARG B 39 7.20 -16.73 -11.05
N THR B 40 8.01 -16.49 -10.03
CA THR B 40 9.18 -17.29 -9.82
C THR B 40 8.68 -18.62 -9.26
N ALA B 41 9.54 -19.61 -9.31
CA ALA B 41 9.35 -20.79 -8.46
C ALA B 41 9.48 -20.28 -7.03
N ILE B 42 8.89 -20.99 -6.10
CA ILE B 42 8.95 -20.63 -4.69
C ILE B 42 9.95 -21.51 -4.02
N CYS B 43 10.93 -20.92 -3.34
CA CYS B 43 11.96 -21.69 -2.62
C CYS B 43 11.86 -21.56 -1.12
N ARG B 44 12.40 -22.55 -0.42
CA ARG B 44 12.47 -22.56 1.04
C ARG B 44 13.43 -21.51 1.53
N ALA B 45 13.00 -20.74 2.51
CA ALA B 45 13.82 -19.68 3.10
C ALA B 45 15.07 -20.26 3.74
N GLY B 46 16.17 -19.52 3.64
CA GLY B 46 17.37 -19.84 4.41
C GLY B 46 18.25 -20.91 3.78
N ARG B 47 17.62 -21.99 3.31
CA ARG B 47 18.37 -23.10 2.77
C ARG B 47 18.12 -23.35 1.26
N GLY B 48 17.15 -22.67 0.65
CA GLY B 48 16.80 -22.89 -0.76
C GLY B 48 17.61 -22.09 -1.78
N GLY B 49 17.23 -22.24 -3.06
CA GLY B 49 17.91 -21.62 -4.19
C GLY B 49 17.91 -20.11 -4.20
N PHE B 50 16.93 -19.50 -3.52
CA PHE B 50 16.85 -18.06 -3.43
C PHE B 50 17.36 -17.52 -2.10
N LYS B 51 18.02 -18.34 -1.28
CA LYS B 51 18.48 -17.88 0.02
C LYS B 51 19.46 -16.70 -0.07
N ASP B 52 20.15 -16.55 -1.20
CA ASP B 52 21.12 -15.47 -1.36
C ASP B 52 20.69 -14.43 -2.39
N THR B 53 19.43 -14.47 -2.81
CA THR B 53 18.93 -13.59 -3.86
C THR B 53 18.07 -12.49 -3.22
N THR B 54 18.42 -11.24 -3.45
CA THR B 54 17.64 -10.15 -2.91
C THR B 54 16.28 -10.00 -3.62
N PRO B 55 15.26 -9.52 -2.90
CA PRO B 55 13.91 -9.49 -3.47
C PRO B 55 13.73 -8.60 -4.70
N ASP B 56 14.57 -7.57 -4.85
CA ASP B 56 14.56 -6.77 -6.08
C ASP B 56 14.85 -7.64 -7.29
N GLU B 57 15.75 -8.61 -7.15
CA GLU B 57 16.08 -9.49 -8.27
C GLU B 57 14.92 -10.44 -8.59
N LEU B 58 14.23 -10.93 -7.56
CA LEU B 58 13.09 -11.81 -7.77
C LEU B 58 11.94 -11.05 -8.47
N LEU B 59 11.69 -9.83 -8.01
CA LEU B 59 10.65 -9.00 -8.56
C LEU B 59 11.01 -8.52 -9.99
N SER B 60 12.28 -8.22 -10.24
CA SER B 60 12.73 -7.86 -11.60
C SER B 60 12.46 -8.99 -12.61
N ALA B 61 12.86 -10.21 -12.26
CA ALA B 61 12.65 -11.36 -13.13
C ALA B 61 11.18 -11.49 -13.58
N VAL B 62 10.22 -11.27 -12.68
CA VAL B 62 8.80 -11.47 -13.04
C VAL B 62 8.22 -10.27 -13.78
N MET B 63 8.64 -9.07 -13.43
CA MET B 63 8.25 -7.87 -14.15
C MET B 63 8.74 -7.99 -15.58
N THR B 64 10.02 -8.31 -15.74
CA THR B 64 10.59 -8.47 -17.07
C THR B 64 9.82 -9.49 -17.88
N ALA B 65 9.51 -10.62 -17.26
CA ALA B 65 8.90 -11.74 -17.95
C ALA B 65 7.51 -11.37 -18.43
N VAL B 66 6.72 -10.71 -17.59
CA VAL B 66 5.35 -10.40 -17.96
C VAL B 66 5.31 -9.46 -19.17
N LEU B 67 6.16 -8.42 -19.15
CA LEU B 67 6.23 -7.46 -20.26
C LEU B 67 6.64 -8.13 -21.56
N LYS B 68 7.70 -8.92 -21.52
CA LYS B 68 8.21 -9.66 -22.67
C LYS B 68 7.17 -10.61 -23.23
N ASP B 69 6.48 -11.32 -22.33
CA ASP B 69 5.49 -12.34 -22.75
C ASP B 69 4.35 -11.79 -23.60
N VAL B 70 3.85 -10.62 -23.24
CA VAL B 70 2.79 -9.98 -24.00
C VAL B 70 3.31 -8.90 -24.96
N ASN B 71 4.61 -8.66 -24.92
CA ASN B 71 5.26 -7.67 -25.78
C ASN B 71 4.69 -6.26 -25.63
N LEU B 72 4.48 -5.88 -24.37
CA LEU B 72 4.06 -4.55 -24.03
C LEU B 72 5.28 -3.65 -23.89
N ARG B 73 5.26 -2.49 -24.54
CA ARG B 73 6.26 -1.45 -24.31
C ARG B 73 6.18 -1.08 -22.83
N PRO B 74 7.31 -1.13 -22.11
CA PRO B 74 7.26 -0.84 -20.66
C PRO B 74 6.62 0.51 -20.32
N GLU B 75 6.87 1.54 -21.12
CA GLU B 75 6.35 2.87 -20.84
C GLU B 75 4.84 2.99 -21.03
N GLN B 76 4.20 1.94 -21.54
CA GLN B 76 2.71 1.86 -21.54
C GLN B 76 2.14 1.61 -20.16
N LEU B 77 2.97 1.13 -19.22
CA LEU B 77 2.50 0.95 -17.85
C LEU B 77 2.18 2.30 -17.17
N GLY B 78 0.95 2.45 -16.69
CA GLY B 78 0.55 3.62 -15.94
C GLY B 78 1.04 3.61 -14.50
N ASP B 79 1.28 2.43 -13.94
CA ASP B 79 1.67 2.31 -12.54
C ASP B 79 2.18 0.93 -12.28
N ILE B 80 2.96 0.80 -11.22
CA ILE B 80 3.35 -0.52 -10.70
C ILE B 80 3.07 -0.53 -9.21
N CYS B 81 2.36 -1.56 -8.75
CA CYS B 81 2.04 -1.71 -7.34
C CYS B 81 2.54 -3.05 -6.82
N VAL B 82 3.36 -2.98 -5.78
CA VAL B 82 4.03 -4.15 -5.24
C VAL B 82 3.61 -4.43 -3.81
N GLY B 83 3.09 -5.63 -3.61
CA GLY B 83 2.78 -6.11 -2.29
C GLY B 83 4.05 -6.58 -1.60
N ASN B 84 4.24 -6.19 -0.35
CA ASN B 84 5.36 -6.67 0.44
C ASN B 84 5.13 -6.39 1.91
N VAL B 85 5.57 -7.32 2.76
CA VAL B 85 5.29 -7.23 4.19
C VAL B 85 6.53 -6.86 5.02
N LEU B 86 7.67 -7.49 4.76
CA LEU B 86 8.81 -7.48 5.71
C LEU B 86 9.95 -6.51 5.42
N GLN B 87 9.98 -5.90 4.25
CA GLN B 87 11.00 -4.91 3.98
C GLN B 87 10.71 -3.61 4.73
N PRO B 88 11.74 -2.78 4.96
CA PRO B 88 11.48 -1.47 5.53
C PRO B 88 10.60 -0.65 4.58
N GLY B 89 9.58 -0.01 5.12
CA GLY B 89 8.67 0.80 4.33
C GLY B 89 7.93 -0.02 3.29
N ALA B 90 7.80 -1.31 3.57
CA ALA B 90 7.15 -2.22 2.65
C ALA B 90 7.83 -2.27 1.28
N GLY B 91 9.13 -1.96 1.24
CA GLY B 91 9.96 -2.26 0.08
C GLY B 91 9.89 -1.30 -1.08
N ALA B 92 9.46 -0.08 -0.83
CA ALA B 92 9.32 0.93 -1.88
C ALA B 92 10.66 1.23 -2.60
N ILE B 93 11.75 1.39 -1.85
CA ILE B 93 13.07 1.67 -2.47
C ILE B 93 13.51 0.48 -3.34
N MET B 94 13.43 -0.71 -2.73
CA MET B 94 13.70 -2.02 -3.32
C MET B 94 12.92 -2.29 -4.62
N ALA B 95 11.63 -2.00 -4.58
CA ALA B 95 10.75 -2.24 -5.70
C ALA B 95 11.08 -1.33 -6.88
N ARG B 96 11.40 -0.08 -6.56
CA ARG B 96 11.73 0.90 -7.57
C ARG B 96 13.05 0.50 -8.23
N ILE B 97 14.00 0.04 -7.40
CA ILE B 97 15.27 -0.47 -7.92
C ILE B 97 15.03 -1.66 -8.88
N ALA B 98 14.15 -2.57 -8.48
CA ALA B 98 13.79 -3.72 -9.31
C ALA B 98 13.25 -3.30 -10.68
N GLN B 99 12.43 -2.25 -10.69
CA GLN B 99 11.90 -1.66 -11.94
C GLN B 99 13.04 -1.27 -12.87
N PHE B 100 14.02 -0.57 -12.32
CA PHE B 100 15.17 -0.14 -13.11
C PHE B 100 16.09 -1.34 -13.48
N LEU B 101 16.11 -2.39 -12.67
CA LEU B 101 16.84 -3.60 -13.02
C LEU B 101 16.17 -4.29 -14.22
N SER B 102 14.89 -4.02 -14.42
CA SER B 102 14.14 -4.51 -15.56
C SER B 102 14.11 -3.53 -16.74
N ASP B 103 14.88 -2.44 -16.65
CA ASP B 103 14.92 -1.40 -17.67
C ASP B 103 13.54 -0.79 -17.95
N ILE B 104 12.66 -0.85 -16.96
CA ILE B 104 11.38 -0.18 -17.06
C ILE B 104 11.67 1.29 -16.74
N PRO B 105 11.33 2.20 -17.65
CA PRO B 105 11.81 3.57 -17.49
C PRO B 105 11.19 4.29 -16.30
N GLU B 106 11.93 5.28 -15.83
CA GLU B 106 11.57 6.17 -14.73
C GLU B 106 10.21 6.79 -14.86
N THR B 107 9.73 6.98 -16.08
CA THR B 107 8.43 7.62 -16.27
C THR B 107 7.28 6.78 -15.73
N VAL B 108 7.49 5.46 -15.55
CA VAL B 108 6.46 4.61 -14.96
C VAL B 108 6.56 4.66 -13.45
N PRO B 109 5.48 5.08 -12.77
CA PRO B 109 5.54 5.22 -11.32
C PRO B 109 5.33 3.91 -10.58
N LEU B 110 5.72 3.90 -9.30
CA LEU B 110 5.65 2.70 -8.46
C LEU B 110 5.27 3.07 -7.03
N SER B 111 4.53 2.16 -6.38
CA SER B 111 4.25 2.22 -4.95
C SER B 111 4.18 0.81 -4.36
N THR B 112 4.23 0.73 -3.04
CA THR B 112 4.08 -0.54 -2.37
C THR B 112 2.85 -0.51 -1.46
N VAL B 113 2.37 -1.70 -1.12
CA VAL B 113 1.21 -1.87 -0.25
C VAL B 113 1.46 -3.03 0.75
N ASN B 114 0.93 -2.91 1.95
CA ASN B 114 1.02 -3.95 2.97
C ASN B 114 -0.35 -4.18 3.62
N ARG B 115 -1.00 -5.26 3.22
CA ARG B 115 -2.10 -5.83 3.99
C ARG B 115 -1.71 -7.24 4.38
N GLN B 116 -0.46 -7.36 4.86
CA GLN B 116 0.06 -8.61 5.39
C GLN B 116 -0.07 -9.69 4.34
N CYS B 117 -0.61 -10.85 4.71
CA CYS B 117 -0.62 -12.01 3.82
C CYS B 117 -1.40 -11.78 2.53
N SER B 118 -2.26 -10.76 2.50
CA SER B 118 -3.03 -10.49 1.30
C SER B 118 -2.37 -9.48 0.38
N SER B 119 -1.20 -8.97 0.79
CA SER B 119 -0.57 -7.85 0.07
C SER B 119 -0.53 -8.06 -1.45
N GLY B 120 -0.21 -9.25 -1.90
CA GLY B 120 -0.16 -9.51 -3.35
C GLY B 120 -1.48 -9.39 -4.08
N LEU B 121 -2.57 -9.77 -3.42
CA LEU B 121 -3.89 -9.59 -4.00
C LEU B 121 -4.28 -8.12 -3.85
N GLN B 122 -3.86 -7.51 -2.73
CA GLN B 122 -4.12 -6.11 -2.51
C GLN B 122 -3.48 -5.25 -3.63
N ALA B 123 -2.32 -5.65 -4.10
CA ALA B 123 -1.69 -4.99 -5.22
C ALA B 123 -2.60 -5.05 -6.46
N VAL B 124 -3.25 -6.19 -6.67
CA VAL B 124 -4.17 -6.33 -7.78
C VAL B 124 -5.38 -5.41 -7.61
N ALA B 125 -5.96 -5.38 -6.39
CA ALA B 125 -7.09 -4.49 -6.12
C ALA B 125 -6.72 -3.00 -6.25
N SER B 126 -5.48 -2.66 -5.90
CA SER B 126 -5.06 -1.27 -5.95
C SER B 126 -4.81 -0.78 -7.38
N ILE B 127 -4.25 -1.63 -8.25
CA ILE B 127 -4.13 -1.29 -9.65
C ILE B 127 -5.54 -1.24 -10.28
N ALA B 128 -6.41 -2.15 -9.87
CA ALA B 128 -7.80 -2.14 -10.39
C ALA B 128 -8.43 -0.81 -10.04
N GLY B 129 -8.20 -0.37 -8.80
CA GLY B 129 -8.74 0.88 -8.29
C GLY B 129 -8.21 2.09 -9.03
N GLY B 130 -6.91 2.08 -9.32
CA GLY B 130 -6.33 3.19 -10.07
C GLY B 130 -6.94 3.31 -11.46
N ILE B 131 -7.24 2.17 -12.07
CA ILE B 131 -7.91 2.16 -13.39
C ILE B 131 -9.29 2.77 -13.26
N ARG B 132 -10.02 2.33 -12.23
CA ARG B 132 -11.36 2.85 -11.94
C ARG B 132 -11.36 4.36 -11.61
N ASN B 133 -10.26 4.86 -11.01
CA ASN B 133 -10.11 6.29 -10.70
C ASN B 133 -9.81 7.16 -11.92
N GLY B 134 -9.60 6.55 -13.08
CA GLY B 134 -9.17 7.30 -14.26
C GLY B 134 -7.70 7.69 -14.26
N SER B 135 -6.89 7.10 -13.39
CA SER B 135 -5.49 7.50 -13.27
C SER B 135 -4.66 6.96 -14.43
N TYR B 136 -4.99 5.75 -14.87
CA TYR B 136 -4.34 5.11 -15.99
C TYR B 136 -5.24 3.98 -16.48
N ASP B 137 -4.86 3.39 -17.62
CA ASP B 137 -5.63 2.35 -18.29
C ASP B 137 -5.02 0.93 -18.13
N ILE B 138 -3.75 0.87 -17.73
CA ILE B 138 -2.96 -0.38 -17.65
C ILE B 138 -1.90 -0.29 -16.56
N GLY B 139 -1.74 -1.35 -15.79
CA GLY B 139 -0.78 -1.34 -14.73
C GLY B 139 -0.35 -2.73 -14.32
N MET B 140 0.69 -2.77 -13.49
CA MET B 140 1.25 -4.02 -13.05
C MET B 140 1.13 -4.21 -11.55
N ALA B 141 0.55 -5.35 -11.16
CA ALA B 141 0.33 -5.70 -9.75
C ALA B 141 1.31 -6.81 -9.42
N CYS B 142 2.11 -6.61 -8.38
CA CYS B 142 3.12 -7.59 -8.05
C CYS B 142 3.08 -7.90 -6.57
N GLY B 143 3.69 -9.02 -6.22
CA GLY B 143 3.95 -9.36 -4.83
C GLY B 143 5.30 -10.02 -4.76
N VAL B 144 6.03 -9.76 -3.67
CA VAL B 144 7.33 -10.36 -3.48
C VAL B 144 7.65 -10.50 -2.00
N GLU B 145 8.47 -11.49 -1.66
CA GLU B 145 8.96 -11.62 -0.30
C GLU B 145 10.23 -12.44 -0.28
N SER B 146 11.27 -11.94 0.40
CA SER B 146 12.47 -12.71 0.72
C SER B 146 12.46 -12.93 2.20
N MET B 147 11.87 -14.04 2.63
CA MET B 147 11.84 -14.34 4.04
C MET B 147 13.21 -14.84 4.48
N SER B 148 14.09 -15.17 3.53
CA SER B 148 15.49 -15.48 3.83
C SER B 148 16.24 -14.27 4.36
N LEU B 149 15.87 -13.09 3.88
CA LEU B 149 16.70 -11.92 4.14
C LEU B 149 16.09 -10.88 5.10
N ALA B 150 14.76 -10.83 5.27
CA ALA B 150 14.14 -9.69 5.96
C ALA B 150 14.42 -9.67 7.46
N PRO B 155 8.37 -5.04 13.26
CA PRO B 155 7.38 -4.77 14.34
C PRO B 155 7.02 -3.27 14.47
N GLY B 156 8.02 -2.42 14.77
CA GLY B 156 7.83 -0.95 14.82
C GLY B 156 7.90 -0.26 16.18
N ASN B 157 7.56 1.02 16.20
CA ASN B 157 7.45 1.79 17.43
C ASN B 157 5.98 1.80 17.83
N ILE B 158 5.70 1.21 18.98
CA ILE B 158 4.35 0.87 19.41
C ILE B 158 4.16 1.50 20.77
N THR B 159 2.93 1.87 21.09
CA THR B 159 2.63 2.59 22.34
C THR B 159 2.97 1.81 23.60
N SER B 160 3.21 2.52 24.67
CA SER B 160 3.61 1.95 25.95
C SER B 160 2.44 1.28 26.68
N ARG B 161 1.22 1.55 26.24
CA ARG B 161 0.05 1.03 26.93
C ARG B 161 -0.63 -0.02 26.07
N LEU B 162 0.16 -0.74 25.29
CA LEU B 162 -0.31 -1.90 24.55
C LEU B 162 -1.26 -2.72 25.45
N MET B 163 -0.81 -3.05 26.66
CA MET B 163 -1.52 -4.03 27.48
C MET B 163 -2.82 -3.49 28.06
N GLU B 164 -3.10 -2.20 27.87
CA GLU B 164 -4.37 -1.64 28.31
C GLU B 164 -5.47 -1.96 27.29
N LYS B 165 -5.07 -2.47 26.11
CA LYS B 165 -5.99 -2.69 25.02
C LYS B 165 -5.78 -4.08 24.43
N GLU B 166 -6.64 -5.00 24.83
CA GLU B 166 -6.48 -6.43 24.52
C GLU B 166 -6.31 -6.73 23.03
N LYS B 167 -7.05 -6.02 22.18
CA LYS B 167 -7.02 -6.33 20.74
C LYS B 167 -5.73 -5.83 20.12
N ALA B 168 -5.14 -4.80 20.73
CA ALA B 168 -3.82 -4.32 20.31
C ALA B 168 -2.80 -5.40 20.68
N ARG B 169 -2.85 -5.83 21.94
CA ARG B 169 -2.00 -6.91 22.46
C ARG B 169 -2.05 -8.11 21.52
N ASP B 170 -3.27 -8.45 21.10
CA ASP B 170 -3.48 -9.62 20.24
C ASP B 170 -2.82 -9.53 18.87
N CYS B 171 -2.47 -8.33 18.45
CA CYS B 171 -1.80 -8.18 17.18
C CYS B 171 -0.35 -8.63 17.25
N LEU B 172 0.18 -8.84 18.43
CA LEU B 172 1.52 -9.41 18.57
C LEU B 172 1.52 -10.94 18.77
N ILE B 173 0.35 -11.56 18.79
CA ILE B 173 0.31 -13.03 18.89
C ILE B 173 0.93 -13.62 17.62
N PRO B 174 1.94 -14.50 17.78
CA PRO B 174 2.54 -15.18 16.63
C PRO B 174 1.47 -15.88 15.80
N MET B 175 1.56 -15.80 14.49
CA MET B 175 0.54 -16.41 13.66
C MET B 175 0.41 -17.92 13.90
N GLY B 176 1.54 -18.56 14.21
CA GLY B 176 1.54 -19.98 14.59
C GLY B 176 0.70 -20.26 15.82
N ILE B 177 0.64 -19.31 16.76
CA ILE B 177 -0.21 -19.46 17.94
C ILE B 177 -1.70 -19.24 17.59
N THR B 178 -2.00 -18.37 16.61
CA THR B 178 -3.38 -18.22 16.16
C THR B 178 -3.88 -19.49 15.48
N SER B 179 -2.96 -20.23 14.83
CA SER B 179 -3.30 -21.56 14.31
C SER B 179 -3.82 -22.51 15.41
N GLU B 180 -3.06 -22.60 16.50
CA GLU B 180 -3.51 -23.36 17.67
C GLU B 180 -4.85 -22.87 18.21
N ASN B 181 -5.02 -21.54 18.26
CA ASN B 181 -6.25 -20.94 18.80
C ASN B 181 -7.44 -21.38 17.98
N VAL B 182 -7.31 -21.29 16.66
CA VAL B 182 -8.34 -21.76 15.75
C VAL B 182 -8.58 -23.29 15.88
N ALA B 183 -7.52 -24.06 16.04
CA ALA B 183 -7.68 -25.51 16.22
C ALA B 183 -8.45 -25.88 17.48
N GLU B 184 -8.31 -25.08 18.55
CA GLU B 184 -8.98 -25.35 19.83
C GLU B 184 -10.38 -24.77 19.89
N ARG B 185 -10.55 -23.56 19.41
CA ARG B 185 -11.85 -22.90 19.47
C ARG B 185 -12.84 -23.67 18.64
N PHE B 186 -12.39 -24.12 17.47
CA PHE B 186 -13.28 -24.73 16.51
C PHE B 186 -13.06 -26.25 16.34
N GLY B 187 -12.23 -26.86 17.17
CA GLY B 187 -12.14 -28.32 17.22
C GLY B 187 -11.68 -29.01 15.94
N ILE B 188 -10.47 -28.65 15.51
CA ILE B 188 -9.83 -29.26 14.34
C ILE B 188 -8.63 -30.12 14.81
N SER B 189 -8.79 -31.44 14.68
CA SER B 189 -7.85 -32.41 15.19
C SER B 189 -6.54 -32.40 14.46
N ARG B 190 -5.52 -32.94 15.12
CA ARG B 190 -4.21 -33.14 14.49
C ARG B 190 -4.37 -33.97 13.23
N GLU B 191 -5.14 -35.06 13.31
CA GLU B 191 -5.37 -35.95 12.16
C GLU B 191 -6.05 -35.19 11.00
N LYS B 192 -7.04 -34.37 11.32
CA LYS B 192 -7.69 -33.55 10.30
C LYS B 192 -6.62 -32.69 9.62
N GLN B 193 -5.81 -32.01 10.41
CA GLN B 193 -4.75 -31.14 9.89
C GLN B 193 -3.73 -31.91 9.04
N ASP B 194 -3.26 -33.06 9.53
CA ASP B 194 -2.30 -33.83 8.75
C ASP B 194 -2.92 -34.37 7.45
N THR B 195 -4.16 -34.85 7.53
CA THR B 195 -4.86 -35.33 6.32
C THR B 195 -4.89 -34.21 5.29
N PHE B 196 -5.28 -33.03 5.71
CA PHE B 196 -5.28 -31.88 4.81
C PHE B 196 -3.89 -31.63 4.14
N ALA B 197 -2.83 -31.68 4.94
CA ALA B 197 -1.49 -31.39 4.45
C ALA B 197 -0.96 -32.47 3.49
N LEU B 198 -1.30 -33.73 3.77
CA LEU B 198 -0.91 -34.81 2.87
C LEU B 198 -1.58 -34.60 1.52
N ALA B 199 -2.87 -34.26 1.54
CA ALA B 199 -3.62 -34.05 0.30
C ALA B 199 -2.99 -32.90 -0.47
N SER B 200 -2.66 -31.80 0.22
CA SER B 200 -2.06 -30.64 -0.46
C SER B 200 -0.72 -31.01 -1.13
N GLN B 201 0.09 -31.78 -0.43
CA GLN B 201 1.36 -32.27 -0.96
C GLN B 201 1.20 -33.20 -2.15
N GLN B 202 0.25 -34.14 -2.02
CA GLN B 202 0.00 -35.14 -3.06
C GLN B 202 -0.55 -34.49 -4.35
N LYS B 203 -1.52 -33.60 -4.20
CA LYS B 203 -2.05 -32.81 -5.31
C LYS B 203 -0.95 -31.96 -5.96
N ALA B 204 -0.10 -31.36 -5.15
CA ALA B 204 0.97 -30.53 -5.66
C ALA B 204 1.99 -31.34 -6.48
N ALA B 205 2.32 -32.56 -6.03
CA ALA B 205 3.26 -33.43 -6.73
C ALA B 205 2.74 -33.86 -8.12
N ARG B 206 1.47 -34.25 -8.17
CA ARG B 206 0.84 -34.64 -9.45
C ARG B 206 0.79 -33.43 -10.40
N ALA B 207 0.36 -32.29 -9.89
CA ALA B 207 0.24 -31.08 -10.70
C ALA B 207 1.61 -30.71 -11.27
N GLN B 208 2.66 -30.84 -10.46
CA GLN B 208 4.02 -30.56 -10.93
C GLN B 208 4.42 -31.54 -12.02
N SER B 209 4.18 -32.83 -11.79
CA SER B 209 4.47 -33.85 -12.81
C SER B 209 3.74 -33.66 -14.14
N LYS B 210 2.51 -33.15 -14.07
CA LYS B 210 1.70 -32.94 -15.27
C LYS B 210 2.13 -31.69 -16.04
N GLY B 211 2.90 -30.82 -15.38
CA GLY B 211 3.38 -29.58 -15.98
C GLY B 211 2.45 -28.40 -15.70
N CYS B 212 1.57 -28.53 -14.73
CA CYS B 212 0.63 -27.44 -14.44
C CYS B 212 1.30 -26.09 -14.13
N PHE B 213 2.50 -26.10 -13.56
CA PHE B 213 3.15 -24.87 -13.15
C PHE B 213 4.16 -24.38 -14.17
N GLN B 214 4.28 -25.08 -15.30
CA GLN B 214 5.32 -24.78 -16.30
C GLN B 214 5.10 -23.44 -17.01
N ALA B 215 3.84 -23.16 -17.37
CA ALA B 215 3.50 -21.90 -18.03
C ALA B 215 3.78 -20.76 -17.10
N GLU B 216 3.32 -20.86 -15.85
CA GLU B 216 3.38 -19.71 -14.94
C GLU B 216 4.79 -19.40 -14.36
N ILE B 217 5.62 -20.41 -14.12
CA ILE B 217 6.95 -20.21 -13.56
C ILE B 217 7.93 -19.67 -14.61
N VAL B 218 8.68 -18.65 -14.24
CA VAL B 218 9.77 -18.18 -15.09
C VAL B 218 11.05 -18.58 -14.41
N PRO B 219 11.93 -19.27 -15.14
CA PRO B 219 13.20 -19.63 -14.55
C PRO B 219 13.95 -18.40 -14.11
N VAL B 220 14.64 -18.50 -12.98
CA VAL B 220 15.46 -17.42 -12.47
C VAL B 220 16.87 -17.92 -12.38
N THR B 221 17.82 -17.17 -12.91
CA THR B 221 19.23 -17.53 -12.78
C THR B 221 19.87 -16.60 -11.75
N THR B 222 20.48 -17.20 -10.74
CA THR B 222 21.01 -16.44 -9.62
C THR B 222 22.29 -17.12 -9.10
N THR B 223 22.86 -16.53 -8.07
CA THR B 223 24.00 -17.13 -7.43
C THR B 223 23.64 -17.56 -6.03
N VAL B 224 24.33 -18.58 -5.53
CA VAL B 224 24.26 -18.98 -4.13
C VAL B 224 25.69 -18.97 -3.63
N HIS B 225 25.88 -18.53 -2.38
CA HIS B 225 27.17 -18.61 -1.72
C HIS B 225 27.25 -19.96 -1.03
N ASP B 226 28.27 -20.74 -1.34
CA ASP B 226 28.53 -21.95 -0.57
C ASP B 226 29.35 -21.56 0.64
N ASP B 227 29.22 -22.33 1.70
CA ASP B 227 29.97 -22.10 2.92
C ASP B 227 31.48 -22.37 2.79
N LYS B 228 31.93 -22.90 1.65
CA LYS B 228 33.39 -22.96 1.39
C LYS B 228 33.94 -21.59 0.96
N GLY B 229 33.07 -20.60 0.77
CA GLY B 229 33.51 -19.25 0.40
C GLY B 229 33.58 -19.11 -1.10
N THR B 230 32.71 -19.86 -1.76
CA THR B 230 32.72 -20.03 -3.19
C THR B 230 31.31 -19.61 -3.65
N LYS B 231 31.24 -18.93 -4.78
CA LYS B 231 29.98 -18.38 -5.32
C LYS B 231 29.62 -19.26 -6.52
N ARG B 232 28.37 -19.67 -6.67
CA ARG B 232 28.02 -20.48 -7.84
C ARG B 232 26.65 -20.14 -8.45
N SER B 233 26.64 -20.05 -9.79
CA SER B 233 25.43 -19.81 -10.58
C SER B 233 24.50 -21.02 -10.62
N ILE B 234 23.21 -20.77 -10.38
CA ILE B 234 22.18 -21.81 -10.51
C ILE B 234 20.93 -21.24 -11.12
N THR B 235 20.09 -22.11 -11.68
CA THR B 235 18.83 -21.69 -12.29
C THR B 235 17.71 -22.45 -11.60
N VAL B 236 16.76 -21.73 -11.04
CA VAL B 236 15.66 -22.33 -10.33
C VAL B 236 14.42 -22.34 -11.23
N THR B 237 13.92 -23.55 -11.48
CA THR B 237 12.75 -23.78 -12.32
C THR B 237 11.60 -24.48 -11.62
N GLN B 238 11.78 -24.90 -10.38
CA GLN B 238 10.75 -25.67 -9.70
C GLN B 238 10.57 -25.32 -8.24
N ASP B 239 9.32 -25.39 -7.80
CA ASP B 239 8.91 -25.12 -6.43
C ASP B 239 9.57 -26.15 -5.48
N GLU B 240 10.44 -25.69 -4.59
CA GLU B 240 11.22 -26.59 -3.72
C GLU B 240 10.43 -27.29 -2.62
N GLY B 241 9.31 -26.70 -2.18
CA GLY B 241 8.55 -27.24 -1.06
C GLY B 241 7.68 -28.46 -1.35
N ILE B 242 7.41 -28.73 -2.62
CA ILE B 242 6.61 -29.91 -2.99
C ILE B 242 7.44 -31.16 -2.71
N ARG B 243 7.05 -31.90 -1.68
CA ARG B 243 7.84 -32.98 -1.14
C ARG B 243 7.01 -34.25 -1.28
N PRO B 244 7.18 -34.95 -2.41
CA PRO B 244 6.35 -36.16 -2.61
C PRO B 244 6.64 -37.25 -1.59
N SER B 245 7.75 -37.11 -0.86
CA SER B 245 8.13 -38.11 0.15
C SER B 245 7.33 -37.99 1.46
N THR B 246 6.48 -36.97 1.56
CA THR B 246 5.57 -36.83 2.69
C THR B 246 4.70 -38.07 2.80
N THR B 247 4.60 -38.61 4.01
CA THR B 247 3.66 -39.67 4.28
C THR B 247 2.81 -39.27 5.47
N MET B 248 1.78 -40.05 5.75
CA MET B 248 0.90 -39.81 6.88
C MET B 248 1.65 -40.12 8.17
N GLU B 249 2.35 -41.24 8.17
CA GLU B 249 3.16 -41.68 9.31
C GLU B 249 4.19 -40.61 9.70
N GLY B 250 4.83 -40.04 8.67
CA GLY B 250 5.88 -39.03 8.86
C GLY B 250 5.33 -37.74 9.45
N LEU B 251 4.18 -37.32 8.94
CA LEU B 251 3.52 -36.12 9.45
C LEU B 251 3.04 -36.31 10.90
N ALA B 252 2.54 -37.51 11.22
CA ALA B 252 2.02 -37.80 12.56
C ALA B 252 3.13 -37.79 13.62
N LYS B 253 4.38 -38.01 13.21
CA LYS B 253 5.52 -38.10 14.12
C LYS B 253 6.16 -36.74 14.47
N LEU B 254 5.82 -35.69 13.73
CA LEU B 254 6.47 -34.39 13.89
C LEU B 254 6.15 -33.67 15.21
N LYS B 255 7.15 -32.95 15.71
CA LYS B 255 7.00 -32.19 16.96
C LYS B 255 6.16 -30.93 16.70
N PRO B 256 5.41 -30.46 17.70
CA PRO B 256 4.70 -29.19 17.52
C PRO B 256 5.67 -28.02 17.32
N ALA B 257 5.30 -27.07 16.46
CA ALA B 257 6.19 -25.97 16.09
C ALA B 257 6.12 -24.74 17.02
N PHE B 258 5.00 -24.57 17.75
CA PHE B 258 4.75 -23.32 18.49
C PHE B 258 4.31 -23.49 19.93
N LYS B 259 3.83 -24.65 20.31
CA LYS B 259 3.11 -24.82 21.57
C LYS B 259 3.22 -26.25 22.10
N LYS B 260 3.50 -26.38 23.39
CA LYS B 260 3.85 -27.66 23.98
C LYS B 260 2.92 -28.82 23.59
N ASP B 261 1.61 -28.66 23.78
CA ASP B 261 0.69 -29.78 23.52
C ASP B 261 -0.11 -29.51 22.24
N GLY B 262 0.54 -28.87 21.28
CA GLY B 262 -0.14 -28.34 20.12
C GLY B 262 -0.33 -29.34 19.01
N SER B 263 -1.07 -28.91 18.00
CA SER B 263 -1.31 -29.70 16.81
C SER B 263 -0.72 -29.10 15.53
N THR B 264 -0.24 -27.86 15.60
CA THR B 264 0.42 -27.25 14.45
C THR B 264 1.88 -27.66 14.40
N THR B 265 2.31 -28.07 13.22
CA THR B 265 3.67 -28.53 12.98
C THR B 265 4.22 -27.92 11.69
N ALA B 266 5.51 -28.07 11.45
CA ALA B 266 6.15 -27.70 10.18
C ALA B 266 5.47 -28.41 8.99
N GLY B 267 4.99 -29.62 9.24
CA GLY B 267 4.35 -30.44 8.21
C GLY B 267 2.96 -30.00 7.80
N ASN B 268 2.15 -29.49 8.73
CA ASN B 268 0.80 -29.03 8.39
C ASN B 268 0.67 -27.50 8.33
N SER B 269 1.82 -26.83 8.25
CA SER B 269 1.91 -25.40 8.07
C SER B 269 2.50 -25.10 6.71
N SER B 270 2.32 -23.87 6.26
CA SER B 270 3.05 -23.34 5.12
C SER B 270 4.51 -23.20 5.52
N GLN B 271 5.38 -23.38 4.53
CA GLN B 271 6.81 -23.29 4.75
C GLN B 271 7.20 -21.86 4.50
N VAL B 272 8.12 -21.35 5.30
CA VAL B 272 8.65 -20.01 5.11
C VAL B 272 9.47 -19.98 3.81
N SER B 273 9.22 -18.97 2.97
CA SER B 273 9.64 -19.06 1.57
C SER B 273 10.04 -17.73 0.97
N ASP B 274 10.73 -17.83 -0.18
CA ASP B 274 11.11 -16.69 -1.02
C ASP B 274 10.40 -16.82 -2.39
N GLY B 275 9.90 -15.70 -2.91
CA GLY B 275 9.28 -15.71 -4.22
C GLY B 275 8.65 -14.40 -4.64
N ALA B 276 8.46 -14.24 -5.97
CA ALA B 276 7.75 -13.08 -6.54
C ALA B 276 6.78 -13.52 -7.60
N ALA B 277 5.85 -12.61 -7.90
CA ALA B 277 4.79 -12.81 -8.89
C ALA B 277 4.46 -11.46 -9.47
N ALA B 278 4.13 -11.42 -10.76
CA ALA B 278 3.71 -10.19 -11.42
C ALA B 278 2.50 -10.42 -12.32
N ILE B 279 1.58 -9.46 -12.30
CA ILE B 279 0.32 -9.59 -13.01
C ILE B 279 0.03 -8.31 -13.76
N LEU B 280 -0.30 -8.43 -15.04
CA LEU B 280 -0.61 -7.25 -15.81
C LEU B 280 -2.14 -7.10 -15.91
N LEU B 281 -2.65 -5.94 -15.52
CA LEU B 281 -4.08 -5.64 -15.56
C LEU B 281 -4.34 -4.44 -16.47
N ALA B 282 -5.51 -4.43 -17.11
CA ALA B 282 -5.91 -3.37 -18.05
C ALA B 282 -7.40 -3.18 -18.05
N ARG B 283 -7.82 -1.96 -18.35
CA ARG B 283 -9.21 -1.68 -18.74
C ARG B 283 -9.46 -2.50 -19.97
N ARG B 284 -10.61 -3.11 -20.08
CA ARG B 284 -10.88 -4.03 -21.20
C ARG B 284 -10.66 -3.35 -22.55
N SER B 285 -11.15 -2.11 -22.68
CA SER B 285 -11.04 -1.36 -23.91
C SER B 285 -9.60 -1.13 -24.31
N LYS B 286 -8.70 -1.02 -23.31
CA LYS B 286 -7.27 -0.81 -23.59
C LYS B 286 -6.58 -2.08 -24.04
N ALA B 287 -6.95 -3.20 -23.41
CA ALA B 287 -6.45 -4.50 -23.82
C ALA B 287 -6.79 -4.74 -25.28
N GLU B 288 -8.03 -4.41 -25.65
CA GLU B 288 -8.54 -4.63 -27.00
C GLU B 288 -7.91 -3.68 -28.02
N GLU B 289 -7.67 -2.43 -27.61
CA GLU B 289 -6.92 -1.49 -28.47
C GLU B 289 -5.54 -2.06 -28.78
N LEU B 290 -4.82 -2.50 -27.74
CA LEU B 290 -3.45 -3.02 -27.92
C LEU B 290 -3.33 -4.47 -28.46
N GLY B 291 -4.46 -5.17 -28.56
CA GLY B 291 -4.45 -6.60 -28.94
C GLY B 291 -3.92 -7.53 -27.86
N LEU B 292 -4.09 -7.13 -26.59
CA LEU B 292 -3.58 -7.91 -25.48
C LEU B 292 -4.55 -9.04 -25.13
N PRO B 293 -4.00 -10.19 -24.72
CA PRO B 293 -4.87 -11.28 -24.30
C PRO B 293 -5.64 -10.94 -23.01
N ILE B 294 -6.80 -11.57 -22.82
CA ILE B 294 -7.54 -11.52 -21.57
C ILE B 294 -7.51 -12.92 -20.97
N LEU B 295 -6.79 -13.04 -19.86
CA LEU B 295 -6.68 -14.28 -19.14
C LEU B 295 -7.84 -14.41 -18.14
N GLY B 296 -8.26 -13.29 -17.55
CA GLY B 296 -9.37 -13.28 -16.63
C GLY B 296 -9.94 -11.89 -16.47
N VAL B 297 -11.06 -11.80 -15.77
CA VAL B 297 -11.68 -10.53 -15.45
C VAL B 297 -11.91 -10.44 -13.96
N LEU B 298 -11.46 -9.34 -13.32
CA LEU B 298 -11.74 -9.12 -11.88
C LEU B 298 -13.18 -8.68 -11.61
N ARG B 299 -13.92 -9.46 -10.84
CA ARG B 299 -15.36 -9.23 -10.64
C ARG B 299 -15.74 -8.70 -9.28
N SER B 300 -15.00 -9.11 -8.25
CA SER B 300 -15.21 -8.54 -6.93
C SER B 300 -13.96 -8.63 -6.12
N TYR B 301 -13.88 -7.75 -5.12
CA TYR B 301 -12.86 -7.82 -4.07
C TYR B 301 -13.44 -7.44 -2.70
N ALA B 302 -13.35 -8.34 -1.75
CA ALA B 302 -13.92 -8.12 -0.42
C ALA B 302 -12.82 -8.23 0.63
N VAL B 303 -12.78 -7.26 1.55
CA VAL B 303 -11.87 -7.34 2.68
C VAL B 303 -12.70 -7.17 3.94
N VAL B 304 -12.54 -8.08 4.90
CA VAL B 304 -13.26 -8.01 6.17
C VAL B 304 -12.32 -8.18 7.34
N GLY B 305 -12.79 -7.76 8.51
CA GLY B 305 -12.04 -7.89 9.75
C GLY B 305 -12.56 -9.01 10.64
N VAL B 306 -11.65 -9.71 11.30
CA VAL B 306 -11.99 -10.76 12.25
C VAL B 306 -11.08 -10.59 13.48
N PRO B 307 -11.32 -11.36 14.56
CA PRO B 307 -10.43 -11.26 15.74
C PRO B 307 -8.99 -11.67 15.45
N PRO B 308 -8.00 -10.83 15.78
CA PRO B 308 -6.62 -11.15 15.46
C PRO B 308 -6.20 -12.49 16.02
N ASP B 309 -6.68 -12.81 17.22
CA ASP B 309 -6.29 -14.07 17.89
C ASP B 309 -6.71 -15.35 17.18
N ILE B 310 -7.69 -15.25 16.27
CA ILE B 310 -8.11 -16.38 15.45
C ILE B 310 -8.19 -15.90 14.00
N MET B 311 -7.15 -15.17 13.61
CA MET B 311 -7.11 -14.54 12.31
C MET B 311 -7.36 -15.53 11.18
N GLY B 312 -7.03 -16.79 11.39
CA GLY B 312 -7.21 -17.81 10.37
C GLY B 312 -8.60 -17.98 9.79
N ILE B 313 -9.65 -17.54 10.50
CA ILE B 313 -11.02 -17.71 10.00
C ILE B 313 -11.40 -16.76 8.86
N GLY B 314 -10.50 -15.83 8.52
CA GLY B 314 -10.81 -14.76 7.58
C GLY B 314 -11.60 -15.13 6.33
N PRO B 315 -11.10 -16.08 5.53
CA PRO B 315 -11.78 -16.54 4.32
C PRO B 315 -13.25 -16.95 4.53
N ALA B 316 -13.56 -17.50 5.71
CA ALA B 316 -14.96 -17.88 6.03
C ALA B 316 -15.91 -16.67 6.01
N TYR B 317 -15.36 -15.47 6.19
CA TYR B 317 -16.17 -14.28 6.19
C TYR B 317 -15.87 -13.37 4.98
N ALA B 318 -14.69 -13.52 4.39
CA ALA B 318 -14.37 -12.75 3.19
C ALA B 318 -15.06 -13.34 1.95
N ILE B 319 -15.13 -14.67 1.88
CA ILE B 319 -15.66 -15.32 0.68
C ILE B 319 -17.15 -14.99 0.42
N PRO B 320 -18.02 -15.18 1.41
CA PRO B 320 -19.42 -14.84 1.17
C PRO B 320 -19.62 -13.40 0.69
N VAL B 321 -18.86 -12.46 1.23
CA VAL B 321 -19.02 -11.07 0.84
C VAL B 321 -18.61 -10.91 -0.61
N ALA B 322 -17.49 -11.52 -1.00
CA ALA B 322 -16.98 -11.38 -2.36
C ALA B 322 -17.96 -11.99 -3.37
N LEU B 323 -18.51 -13.16 -3.03
CA LEU B 323 -19.53 -13.79 -3.89
C LEU B 323 -20.77 -12.89 -4.04
N GLN B 324 -21.31 -12.39 -2.92
CA GLN B 324 -22.48 -11.49 -2.97
C GLN B 324 -22.17 -10.32 -3.91
N LYS B 325 -20.97 -9.74 -3.80
CA LYS B 325 -20.63 -8.59 -4.63
C LYS B 325 -20.54 -8.95 -6.14
N ALA B 326 -20.03 -10.15 -6.42
CA ALA B 326 -19.89 -10.63 -7.77
C ALA B 326 -21.22 -11.19 -8.26
N GLY B 327 -22.15 -11.39 -7.33
CA GLY B 327 -23.49 -11.83 -7.68
C GLY B 327 -23.57 -13.34 -7.80
N LEU B 328 -22.83 -14.04 -6.95
CA LEU B 328 -22.66 -15.50 -7.06
C LEU B 328 -22.97 -16.22 -5.76
N THR B 329 -23.17 -17.53 -5.89
CA THR B 329 -23.25 -18.43 -4.75
C THR B 329 -22.06 -19.41 -4.84
N VAL B 330 -21.76 -20.10 -3.74
CA VAL B 330 -20.70 -21.11 -3.71
C VAL B 330 -20.83 -22.15 -4.85
N SER B 331 -22.06 -22.46 -5.27
CA SER B 331 -22.27 -23.47 -6.30
C SER B 331 -21.75 -23.01 -7.67
N ASP B 332 -21.75 -21.70 -7.90
CA ASP B 332 -21.36 -21.10 -9.19
C ASP B 332 -19.83 -21.10 -9.44
N VAL B 333 -19.06 -21.38 -8.39
CA VAL B 333 -17.60 -21.30 -8.44
C VAL B 333 -16.98 -22.65 -8.80
N ASP B 334 -16.03 -22.66 -9.73
CA ASP B 334 -15.38 -23.89 -10.17
C ASP B 334 -14.14 -24.20 -9.31
N ILE B 335 -13.33 -23.19 -8.98
CA ILE B 335 -12.14 -23.39 -8.13
C ILE B 335 -12.06 -22.31 -7.03
N PHE B 336 -11.81 -22.75 -5.79
CA PHE B 336 -11.42 -21.85 -4.72
C PHE B 336 -9.95 -22.04 -4.40
N GLU B 337 -9.15 -21.00 -4.63
CA GLU B 337 -7.79 -21.01 -4.10
C GLU B 337 -7.83 -20.31 -2.77
N ILE B 338 -7.82 -21.12 -1.72
CA ILE B 338 -7.80 -20.67 -0.34
C ILE B 338 -6.40 -20.92 0.18
N ASN B 339 -5.78 -19.89 0.72
CA ASN B 339 -4.42 -20.01 1.14
C ASN B 339 -4.31 -20.95 2.33
N GLU B 340 -3.29 -21.79 2.31
CA GLU B 340 -3.05 -22.77 3.36
C GLU B 340 -1.89 -22.32 4.25
N ALA B 341 -2.09 -21.21 4.96
CA ALA B 341 -1.12 -20.73 5.94
C ALA B 341 -0.85 -21.82 6.96
N PHE B 342 -1.95 -22.37 7.45
CA PHE B 342 -1.95 -23.50 8.34
C PHE B 342 -3.15 -24.38 7.98
N ALA B 343 -2.92 -25.69 7.97
CA ALA B 343 -3.98 -26.67 7.74
C ALA B 343 -5.19 -26.47 8.68
N SER B 344 -4.94 -26.07 9.92
CA SER B 344 -6.02 -25.84 10.89
C SER B 344 -7.05 -24.86 10.30
N GLN B 345 -6.52 -23.72 9.94
CA GLN B 345 -7.29 -22.58 9.50
C GLN B 345 -7.95 -22.84 8.14
N ALA B 346 -7.21 -23.51 7.27
CA ALA B 346 -7.70 -23.82 5.94
C ALA B 346 -8.83 -24.83 6.02
N ALA B 347 -8.61 -25.87 6.83
CA ALA B 347 -9.62 -26.90 7.02
C ALA B 347 -10.87 -26.29 7.62
N TYR B 348 -10.71 -25.44 8.63
CA TYR B 348 -11.88 -24.83 9.24
C TYR B 348 -12.71 -24.14 8.17
N CYS B 349 -12.04 -23.30 7.39
CA CYS B 349 -12.71 -22.48 6.38
C CYS B 349 -13.47 -23.29 5.32
N VAL B 350 -12.87 -24.39 4.85
CA VAL B 350 -13.57 -25.30 3.92
C VAL B 350 -14.84 -25.91 4.53
N GLU B 351 -14.76 -26.36 5.78
CA GLU B 351 -15.93 -26.97 6.43
C GLU B 351 -17.01 -25.94 6.77
N LYS B 352 -16.62 -24.79 7.35
CA LYS B 352 -17.57 -23.74 7.71
C LYS B 352 -18.39 -23.31 6.50
N LEU B 353 -17.70 -23.11 5.39
CA LEU B 353 -18.33 -22.67 4.14
C LEU B 353 -18.97 -23.79 3.33
N ARG B 354 -18.77 -25.04 3.76
CA ARG B 354 -19.33 -26.19 3.07
C ARG B 354 -18.92 -26.21 1.58
N LEU B 355 -17.63 -26.01 1.33
CA LEU B 355 -17.09 -26.03 -0.04
C LEU B 355 -16.90 -27.48 -0.47
N PRO B 356 -17.22 -27.82 -1.75
CA PRO B 356 -16.85 -29.16 -2.20
C PRO B 356 -15.33 -29.28 -2.24
N PRO B 357 -14.77 -30.24 -1.48
CA PRO B 357 -13.32 -30.30 -1.30
C PRO B 357 -12.53 -30.43 -2.59
N GLU B 358 -13.12 -31.09 -3.58
CA GLU B 358 -12.41 -31.28 -4.84
C GLU B 358 -12.15 -29.95 -5.53
N LYS B 359 -12.88 -28.90 -5.12
CA LYS B 359 -12.76 -27.58 -5.74
C LYS B 359 -11.72 -26.71 -5.05
N VAL B 360 -11.24 -27.15 -3.88
CA VAL B 360 -10.31 -26.33 -3.08
C VAL B 360 -8.86 -26.71 -3.41
N ASN B 361 -8.07 -25.74 -3.86
CA ASN B 361 -6.64 -25.94 -4.10
C ASN B 361 -6.37 -27.25 -4.87
N PRO B 362 -6.93 -27.38 -6.08
CA PRO B 362 -6.84 -28.62 -6.85
C PRO B 362 -5.42 -29.00 -7.26
N LEU B 363 -4.51 -28.02 -7.24
CA LEU B 363 -3.09 -28.23 -7.57
C LEU B 363 -2.25 -28.21 -6.33
N GLY B 364 -2.89 -28.23 -5.16
CA GLY B 364 -2.17 -28.10 -3.87
C GLY B 364 -2.05 -26.64 -3.50
N GLY B 365 -1.74 -26.36 -2.25
CA GLY B 365 -1.57 -24.99 -1.79
C GLY B 365 -0.30 -24.78 -0.98
N ALA B 366 -0.31 -23.78 -0.11
CA ALA B 366 0.92 -23.29 0.54
C ALA B 366 1.64 -24.29 1.43
N VAL B 367 0.96 -25.31 1.92
CA VAL B 367 1.65 -26.28 2.76
C VAL B 367 2.72 -26.96 1.90
N ALA B 368 2.40 -27.13 0.63
CA ALA B 368 3.30 -27.71 -0.36
C ALA B 368 4.08 -26.63 -1.11
N LEU B 369 3.40 -25.59 -1.59
CA LEU B 369 4.06 -24.59 -2.47
C LEU B 369 4.92 -23.54 -1.77
N GLY B 370 4.58 -23.28 -0.51
CA GLY B 370 5.24 -22.26 0.30
C GLY B 370 4.45 -20.96 0.29
N HIS B 371 4.82 -20.06 1.20
CA HIS B 371 4.03 -18.86 1.46
C HIS B 371 4.94 -17.67 1.68
N PRO B 372 5.52 -17.12 0.59
CA PRO B 372 6.32 -15.91 0.74
C PRO B 372 5.34 -14.75 0.90
N LEU B 373 5.26 -14.23 2.11
CA LEU B 373 4.08 -13.44 2.54
C LEU B 373 3.51 -12.51 1.42
N GLY B 374 4.27 -11.52 1.00
CA GLY B 374 3.75 -10.55 0.03
C GLY B 374 3.42 -11.10 -1.35
N CYS B 375 4.07 -12.20 -1.72
CA CYS B 375 3.86 -12.80 -3.04
C CYS B 375 2.57 -13.58 -3.17
N THR B 376 2.23 -14.38 -2.16
CA THR B 376 1.18 -15.38 -2.28
C THR B 376 -0.10 -14.93 -2.98
N GLY B 377 -0.63 -13.77 -2.61
CA GLY B 377 -1.89 -13.28 -3.18
C GLY B 377 -1.85 -13.15 -4.68
N ALA B 378 -0.72 -12.63 -5.19
CA ALA B 378 -0.53 -12.52 -6.64
C ALA B 378 -0.39 -13.90 -7.26
N ARG B 379 0.36 -14.75 -6.57
CA ARG B 379 0.70 -16.12 -7.02
C ARG B 379 -0.56 -16.93 -7.23
N GLN B 380 -1.44 -16.86 -6.23
CA GLN B 380 -2.73 -17.54 -6.27
C GLN B 380 -3.54 -17.20 -7.51
N VAL B 381 -3.55 -15.92 -7.86
CA VAL B 381 -4.32 -15.44 -9.01
C VAL B 381 -3.86 -16.15 -10.28
N ILE B 382 -2.53 -16.21 -10.43
CA ILE B 382 -1.90 -16.82 -11.58
C ILE B 382 -2.15 -18.32 -11.62
N THR B 383 -1.97 -18.97 -10.49
CA THR B 383 -2.25 -20.41 -10.43
C THR B 383 -3.73 -20.67 -10.75
N LEU B 384 -4.63 -19.86 -10.23
CA LEU B 384 -6.06 -20.07 -10.45
C LEU B 384 -6.43 -19.94 -11.89
N LEU B 385 -6.04 -18.83 -12.48
CA LEU B 385 -6.39 -18.55 -13.87
C LEU B 385 -5.77 -19.50 -14.86
N ASN B 386 -4.58 -20.01 -14.60
CA ASN B 386 -3.97 -20.91 -15.55
C ASN B 386 -4.72 -22.22 -15.53
N GLU B 387 -5.22 -22.62 -14.37
CA GLU B 387 -6.00 -23.86 -14.29
C GLU B 387 -7.36 -23.69 -14.98
N LEU B 388 -8.03 -22.57 -14.75
CA LEU B 388 -9.31 -22.32 -15.45
C LEU B 388 -9.08 -22.29 -16.96
N LYS B 389 -7.95 -21.71 -17.38
CA LYS B 389 -7.64 -21.63 -18.82
C LYS B 389 -7.47 -23.02 -19.44
N ARG B 390 -6.71 -23.88 -18.77
CA ARG B 390 -6.55 -25.24 -19.21
C ARG B 390 -7.90 -25.92 -19.40
N ARG B 391 -8.79 -25.74 -18.43
CA ARG B 391 -10.13 -26.33 -18.47
C ARG B 391 -10.95 -25.75 -19.61
N GLY B 392 -10.71 -24.48 -19.92
CA GLY B 392 -11.19 -23.89 -21.18
C GLY B 392 -12.67 -23.58 -21.24
N LYS B 393 -13.32 -23.56 -20.09
CA LYS B 393 -14.75 -23.26 -19.97
C LYS B 393 -14.87 -21.89 -19.33
N ARG B 394 -15.92 -21.16 -19.67
CA ARG B 394 -16.24 -19.97 -18.92
C ARG B 394 -16.54 -20.39 -17.48
N ALA B 395 -15.87 -19.76 -16.53
CA ALA B 395 -16.00 -20.17 -15.14
C ALA B 395 -15.64 -19.06 -14.16
N TYR B 396 -16.04 -19.25 -12.91
CA TYR B 396 -15.66 -18.33 -11.85
C TYR B 396 -14.71 -19.04 -10.90
N GLY B 397 -13.73 -18.29 -10.39
CA GLY B 397 -12.80 -18.77 -9.38
C GLY B 397 -12.62 -17.75 -8.26
N VAL B 398 -12.26 -18.23 -7.07
CA VAL B 398 -12.08 -17.38 -5.92
C VAL B 398 -10.67 -17.52 -5.39
N VAL B 399 -10.04 -16.38 -5.11
CA VAL B 399 -8.75 -16.34 -4.41
C VAL B 399 -9.00 -15.71 -3.07
N SER B 400 -8.60 -16.39 -2.00
CA SER B 400 -8.85 -15.89 -0.66
C SER B 400 -7.77 -16.32 0.31
N MET B 401 -7.57 -15.52 1.35
CA MET B 401 -6.59 -15.83 2.37
C MET B 401 -6.90 -15.18 3.71
N CYS B 402 -6.45 -15.80 4.79
CA CYS B 402 -6.46 -15.14 6.10
C CYS B 402 -5.26 -14.21 6.18
N ILE B 403 -5.34 -13.25 7.08
CA ILE B 403 -4.44 -12.11 7.11
C ILE B 403 -4.10 -11.82 8.56
N GLY B 404 -2.82 -11.82 8.87
CA GLY B 404 -2.33 -11.51 10.22
C GLY B 404 -2.88 -10.22 10.74
N THR B 405 -3.06 -10.18 12.06
CA THR B 405 -3.73 -9.09 12.79
C THR B 405 -5.26 -9.02 12.61
N GLY B 406 -5.81 -10.05 11.96
CA GLY B 406 -7.25 -10.33 11.99
C GLY B 406 -8.05 -9.82 10.81
N MET B 407 -7.75 -10.33 9.63
CA MET B 407 -8.55 -9.99 8.46
C MET B 407 -8.73 -11.18 7.51
N GLY B 408 -9.64 -11.01 6.58
CA GLY B 408 -9.74 -11.90 5.42
C GLY B 408 -9.95 -11.11 4.15
N ALA B 409 -9.42 -11.61 3.05
CA ALA B 409 -9.65 -11.03 1.75
C ALA B 409 -10.09 -12.13 0.79
N ALA B 410 -10.94 -11.75 -0.16
CA ALA B 410 -11.39 -12.67 -1.20
C ALA B 410 -11.63 -11.88 -2.51
N ALA B 411 -11.22 -12.47 -3.62
CA ALA B 411 -11.50 -11.88 -4.93
C ALA B 411 -12.17 -12.91 -5.80
N VAL B 412 -13.12 -12.47 -6.63
CA VAL B 412 -13.73 -13.32 -7.63
C VAL B 412 -13.17 -12.94 -9.00
N PHE B 413 -12.79 -13.95 -9.78
CA PHE B 413 -12.31 -13.77 -11.15
C PHE B 413 -13.14 -14.63 -12.08
N GLU B 414 -13.36 -14.13 -13.29
CA GLU B 414 -14.08 -14.86 -14.31
C GLU B 414 -13.08 -15.23 -15.40
N TYR B 415 -13.02 -16.50 -15.76
CA TYR B 415 -12.27 -16.90 -16.94
C TYR B 415 -13.25 -17.01 -18.10
N PRO B 416 -12.99 -16.32 -19.23
CA PRO B 416 -13.83 -16.51 -20.42
C PRO B 416 -13.68 -17.88 -21.06
N GLY B 417 -14.45 -18.11 -22.11
CA GLY B 417 -14.25 -19.29 -22.94
C GLY B 417 -15.56 -19.89 -23.36
N ASN B 418 -15.43 -21.05 -23.99
CA ASN B 418 -16.12 -22.27 -23.55
C ASN B 418 -15.42 -23.49 -24.20
#